data_6VE6
#
_entry.id   6VE6
#
_cell.length_a   81.749
_cell.length_b   87.006
_cell.length_c   171.060
_cell.angle_alpha   90.000
_cell.angle_beta   90.000
_cell.angle_gamma   90.000
#
_symmetry.space_group_name_H-M   'P 21 21 21'
#
loop_
_entity.id
_entity.type
_entity.pdbx_description
1 polymer 'Poly(Aspartic acid) hydrolase-1'
2 water water
#
_entity_poly.entity_id   1
_entity_poly.type   'polypeptide(L)'
_entity_poly.pdbx_seq_one_letter_code
;MGSSHHHHHHSSGLVPRGSHMSKGKAAALPDLKPGAGSFLFTGWAGKPLKVHYYAPDKITETTRILFVIHGAGRNADGYR
DAWIPYAKEGQYIVLTPEYSMADFPTSLTYNVGHIVDEAGNPRPREEWSFASIEPMFDQVRKATGSKVPTYAIYGHSAGG
QFVHRFVELWPDARYSRAVAANAGWYTMPDLAIKYPYGLKDAPTDAAGLKATLEKPLTILLGTADTDVNHHQLSRTPEAM
TQGVHRLARGEFFYAYGRKVAHELNAKFAWKLDYAPDIAHSNTGMSQYAQKLVWE
;
_entity_poly.pdbx_strand_id   A,B,C,D
#
# COMPACT_ATOMS: atom_id res chain seq x y z
N PRO A 30 12.68 -0.14 -16.48
CA PRO A 30 12.03 0.23 -17.75
C PRO A 30 12.92 0.92 -18.78
N ASP A 31 12.92 2.24 -18.75
CA ASP A 31 13.28 3.04 -19.92
C ASP A 31 13.61 4.46 -19.51
N LEU A 32 14.23 5.17 -20.44
CA LEU A 32 14.38 6.62 -20.40
C LEU A 32 14.26 7.11 -21.84
N LYS A 33 13.48 8.16 -22.03
CA LYS A 33 13.26 8.51 -23.42
C LYS A 33 14.27 9.55 -23.88
N PRO A 34 14.64 9.48 -25.16
CA PRO A 34 15.52 10.52 -25.72
C PRO A 34 14.91 11.89 -25.48
N GLY A 35 15.72 12.83 -25.03
CA GLY A 35 15.25 14.16 -24.74
C GLY A 35 14.86 14.35 -23.29
N ALA A 36 13.98 15.31 -23.07
CA ALA A 36 13.47 15.61 -21.74
C ALA A 36 12.29 14.72 -21.39
N GLY A 37 12.23 14.31 -20.13
CA GLY A 37 11.13 13.47 -19.68
C GLY A 37 11.07 13.39 -18.17
N SER A 38 10.29 12.43 -17.69
CA SER A 38 10.15 12.25 -16.25
C SER A 38 9.76 10.80 -15.97
N PHE A 39 10.08 10.36 -14.76
CA PHE A 39 9.61 9.06 -14.29
C PHE A 39 9.30 9.15 -12.80
N LEU A 40 8.51 8.20 -12.32
CA LEU A 40 8.15 8.14 -10.91
C LEU A 40 9.03 7.09 -10.24
N PHE A 41 9.78 7.51 -9.22
CA PHE A 41 10.75 6.66 -8.55
C PHE A 41 10.18 6.26 -7.20
N THR A 42 10.07 4.95 -6.97
CA THR A 42 9.54 4.40 -5.73
C THR A 42 10.53 3.46 -5.06
N GLY A 43 11.72 3.26 -5.64
CA GLY A 43 12.66 2.30 -5.12
C GLY A 43 13.46 2.78 -3.92
N TRP A 44 12.79 3.41 -2.95
CA TRP A 44 13.40 3.78 -1.69
C TRP A 44 12.29 3.85 -0.63
N ALA A 45 12.71 4.04 0.62
CA ALA A 45 11.77 3.99 1.75
C ALA A 45 11.00 5.28 1.95
N GLY A 46 11.32 6.34 1.21
CA GLY A 46 10.60 7.59 1.32
C GLY A 46 9.41 7.65 0.35
N LYS A 47 8.88 8.86 0.21
CA LYS A 47 7.74 9.06 -0.66
C LYS A 47 8.15 8.92 -2.13
N PRO A 48 7.24 8.48 -2.99
CA PRO A 48 7.53 8.44 -4.42
C PRO A 48 7.95 9.82 -4.91
N LEU A 49 8.99 9.85 -5.73
CA LEU A 49 9.61 11.08 -6.17
C LEU A 49 9.49 11.17 -7.68
N LYS A 50 8.99 12.29 -8.19
CA LYS A 50 8.96 12.47 -9.64
C LYS A 50 10.31 13.03 -10.07
N VAL A 51 11.00 12.32 -10.95
CA VAL A 51 12.34 12.69 -11.37
C VAL A 51 12.25 13.18 -12.80
N HIS A 52 12.57 14.46 -13.00
CA HIS A 52 12.66 15.05 -14.32
C HIS A 52 14.07 14.81 -14.84
N TYR A 53 14.17 14.25 -16.04
CA TYR A 53 15.47 13.87 -16.56
C TYR A 53 15.66 14.44 -17.95
N TYR A 54 16.91 14.47 -18.34
CA TYR A 54 17.32 14.65 -19.72
C TYR A 54 18.19 13.47 -20.12
N ALA A 55 17.86 12.85 -21.25
CA ALA A 55 18.65 11.74 -21.75
C ALA A 55 19.17 12.04 -23.14
N PRO A 56 20.43 11.72 -23.41
CA PRO A 56 20.97 11.86 -24.77
C PRO A 56 20.33 10.87 -25.73
N ASP A 57 20.57 11.10 -27.03
CA ASP A 57 19.97 10.26 -28.06
C ASP A 57 20.50 8.82 -28.03
N LYS A 58 21.78 8.64 -27.75
CA LYS A 58 22.32 7.30 -27.55
C LYS A 58 22.97 7.20 -26.17
N ILE A 59 22.53 6.22 -25.40
CA ILE A 59 23.13 5.90 -24.12
C ILE A 59 24.14 4.79 -24.36
N THR A 60 25.38 4.99 -23.94
CA THR A 60 26.38 3.93 -23.99
C THR A 60 26.68 3.53 -22.54
N GLU A 61 27.53 2.55 -22.35
CA GLU A 61 27.86 2.26 -20.97
C GLU A 61 28.95 3.17 -20.34
N THR A 62 29.35 4.24 -21.02
CA THR A 62 30.13 5.29 -20.38
C THR A 62 29.36 6.59 -20.28
N THR A 63 28.05 6.60 -20.56
CA THR A 63 27.27 7.83 -20.43
C THR A 63 27.17 8.25 -18.96
N ARG A 64 27.64 9.47 -18.67
CA ARG A 64 27.68 9.96 -17.30
C ARG A 64 26.29 10.38 -16.83
N ILE A 65 26.18 10.60 -15.52
CA ILE A 65 24.93 10.92 -14.85
C ILE A 65 25.17 12.06 -13.88
N LEU A 66 24.37 13.13 -14.01
CA LEU A 66 24.52 14.31 -13.17
C LEU A 66 23.20 14.58 -12.45
N PHE A 67 23.25 14.62 -11.12
CA PHE A 67 22.11 15.03 -10.31
C PHE A 67 22.12 16.54 -10.18
N VAL A 68 20.98 17.16 -10.50
CA VAL A 68 20.79 18.59 -10.36
C VAL A 68 19.69 18.81 -9.33
N ILE A 69 20.01 19.53 -8.26
CA ILE A 69 19.13 19.67 -7.09
C ILE A 69 18.59 21.09 -7.07
N HIS A 70 17.26 21.22 -7.10
CA HIS A 70 16.57 22.49 -7.18
C HIS A 70 16.55 23.20 -5.82
N GLY A 71 16.09 24.45 -5.85
CA GLY A 71 16.02 25.29 -4.67
C GLY A 71 14.69 25.21 -3.95
N ALA A 72 14.40 26.27 -3.18
CA ALA A 72 13.21 26.31 -2.34
C ALA A 72 11.91 26.41 -3.12
N GLY A 73 11.94 26.93 -4.35
CA GLY A 73 10.73 26.97 -5.14
C GLY A 73 10.32 25.65 -5.75
N ARG A 74 11.12 24.59 -5.51
CA ARG A 74 10.86 23.24 -6.02
C ARG A 74 10.61 23.22 -7.52
N ASN A 75 11.31 24.09 -8.24
CA ASN A 75 11.16 24.15 -9.69
C ASN A 75 12.11 23.15 -10.34
N ALA A 76 11.75 21.88 -10.22
CA ALA A 76 12.58 20.80 -10.77
C ALA A 76 12.56 20.84 -12.27
N ASP A 77 11.37 21.10 -12.84
CA ASP A 77 11.21 21.12 -14.28
C ASP A 77 12.10 22.18 -14.92
N GLY A 78 12.22 23.35 -14.27
CA GLY A 78 13.14 24.38 -14.76
C GLY A 78 14.60 24.04 -14.55
N TYR A 79 14.92 23.36 -13.44
CA TYR A 79 16.31 23.02 -13.17
C TYR A 79 16.85 22.01 -14.19
N ARG A 80 16.02 21.04 -14.60
CA ARG A 80 16.48 20.13 -15.65
C ARG A 80 16.67 20.86 -16.97
N ASP A 81 15.74 21.76 -17.29
CA ASP A 81 15.83 22.52 -18.53
C ASP A 81 17.09 23.37 -18.59
N ALA A 82 17.49 23.96 -17.46
CA ALA A 82 18.67 24.82 -17.47
C ALA A 82 19.92 24.06 -17.90
N TRP A 83 19.98 22.76 -17.63
CA TRP A 83 21.14 21.94 -17.94
C TRP A 83 21.01 21.17 -19.25
N ILE A 84 19.81 21.13 -19.84
CA ILE A 84 19.65 20.44 -21.12
C ILE A 84 20.73 20.79 -22.15
N PRO A 85 21.06 22.05 -22.43
CA PRO A 85 22.09 22.31 -23.46
C PRO A 85 23.43 21.70 -23.12
N TYR A 86 23.83 21.79 -21.85
CA TYR A 86 25.12 21.26 -21.45
C TYR A 86 25.12 19.74 -21.42
N ALA A 87 24.00 19.12 -21.05
CA ALA A 87 23.94 17.67 -21.11
C ALA A 87 23.92 17.17 -22.55
N LYS A 88 23.38 17.97 -23.46
CA LYS A 88 23.40 17.57 -24.86
C LYS A 88 24.81 17.70 -25.46
N GLU A 89 25.56 18.72 -25.05
CA GLU A 89 26.90 18.91 -25.57
C GLU A 89 27.95 18.06 -24.84
N GLY A 90 27.66 17.60 -23.61
CA GLY A 90 28.50 16.63 -22.96
C GLY A 90 28.02 15.21 -23.10
N GLN A 91 26.82 15.02 -23.66
CA GLN A 91 26.23 13.70 -23.89
C GLN A 91 26.13 12.91 -22.60
N TYR A 92 25.48 13.51 -21.60
CA TYR A 92 25.25 12.86 -20.32
C TYR A 92 23.81 13.04 -19.87
N ILE A 93 23.41 12.20 -18.92
CA ILE A 93 22.06 12.16 -18.36
C ILE A 93 21.98 13.18 -17.23
N VAL A 94 20.85 13.87 -17.15
CA VAL A 94 20.57 14.81 -16.06
C VAL A 94 19.36 14.29 -15.28
N LEU A 95 19.48 14.21 -13.97
CA LEU A 95 18.39 13.79 -13.09
C LEU A 95 18.10 14.88 -12.07
N THR A 96 16.87 15.36 -12.03
CA THR A 96 16.40 16.37 -11.09
C THR A 96 15.18 15.82 -10.35
N PRO A 97 15.33 15.35 -9.12
CA PRO A 97 14.16 14.93 -8.36
C PRO A 97 13.34 16.12 -7.90
N GLU A 98 12.03 15.98 -7.96
CA GLU A 98 11.10 17.04 -7.59
C GLU A 98 10.62 16.77 -6.17
N TYR A 99 11.19 17.49 -5.21
CA TYR A 99 10.71 17.46 -3.84
C TYR A 99 9.59 18.49 -3.73
N SER A 100 8.39 18.08 -4.17
CA SER A 100 7.24 18.96 -4.25
C SER A 100 6.87 19.56 -2.89
N MET A 101 6.13 20.66 -2.93
CA MET A 101 5.62 21.28 -1.71
C MET A 101 4.62 20.39 -1.01
N ALA A 102 3.90 19.55 -1.77
CA ALA A 102 2.89 18.69 -1.17
C ALA A 102 3.53 17.59 -0.33
N ASP A 103 4.56 16.94 -0.87
CA ASP A 103 5.19 15.83 -0.18
C ASP A 103 6.32 16.24 0.74
N PHE A 104 6.88 17.42 0.55
CA PHE A 104 7.97 17.93 1.38
C PHE A 104 7.64 19.38 1.72
N PRO A 105 6.72 19.59 2.66
CA PRO A 105 6.18 20.95 2.86
C PRO A 105 7.20 21.95 3.40
N THR A 106 8.13 21.51 4.24
CA THR A 106 9.05 22.44 4.89
C THR A 106 10.48 22.19 4.42
N SER A 107 11.34 23.18 4.69
CA SER A 107 12.77 23.02 4.40
C SER A 107 13.37 21.86 5.19
N LEU A 108 12.94 21.68 6.45
CA LEU A 108 13.43 20.57 7.26
C LEU A 108 13.19 19.23 6.56
N THR A 109 12.06 19.10 5.85
CA THR A 109 11.75 17.86 5.14
C THR A 109 12.57 17.69 3.86
N TYR A 110 13.17 18.77 3.35
CA TYR A 110 13.87 18.72 2.08
C TYR A 110 15.35 18.97 2.33
N ASN A 111 15.83 20.21 2.28
CA ASN A 111 17.25 20.47 2.22
C ASN A 111 17.96 20.38 3.57
N VAL A 112 17.23 20.33 4.68
CA VAL A 112 17.89 20.04 5.96
C VAL A 112 18.12 18.54 6.13
N GLY A 113 17.42 17.71 5.35
CA GLY A 113 17.64 16.27 5.37
C GLY A 113 16.56 15.47 6.06
N HIS A 114 15.67 16.11 6.82
CA HIS A 114 14.59 15.41 7.51
C HIS A 114 15.12 14.32 8.44
N ILE A 115 16.19 14.63 9.19
CA ILE A 115 16.70 13.62 10.11
C ILE A 115 15.86 13.56 11.37
N VAL A 116 15.06 14.60 11.65
CA VAL A 116 14.11 14.63 12.74
C VAL A 116 12.79 15.19 12.20
N ASP A 117 11.70 14.93 12.91
CA ASP A 117 10.48 15.57 12.48
C ASP A 117 10.44 16.98 13.08
N GLU A 118 9.39 17.72 12.78
CA GLU A 118 9.30 19.10 13.27
C GLU A 118 9.30 19.20 14.79
N ALA A 119 9.04 18.08 15.48
CA ALA A 119 9.04 18.05 16.93
C ALA A 119 10.38 17.63 17.52
N GLY A 120 11.32 17.17 16.69
CA GLY A 120 12.64 16.78 17.15
C GLY A 120 12.85 15.29 17.37
N ASN A 121 11.93 14.46 16.95
CA ASN A 121 12.07 13.02 17.14
C ASN A 121 12.91 12.44 16.01
N PRO A 122 13.90 11.60 16.33
CA PRO A 122 14.75 11.04 15.27
C PRO A 122 13.96 10.20 14.27
N ARG A 123 14.32 10.34 13.00
CA ARG A 123 13.75 9.56 11.91
C ARG A 123 14.76 8.54 11.39
N PRO A 124 14.28 7.41 10.85
CA PRO A 124 15.20 6.40 10.31
C PRO A 124 15.98 6.93 9.11
N ARG A 125 17.25 6.54 9.04
CA ARG A 125 18.15 7.11 8.04
C ARG A 125 17.63 6.91 6.61
N GLU A 126 16.98 5.76 6.37
CA GLU A 126 16.46 5.47 5.03
C GLU A 126 15.28 6.35 4.65
N GLU A 127 14.66 7.05 5.60
CA GLU A 127 13.57 7.96 5.34
C GLU A 127 14.02 9.42 5.27
N TRP A 128 15.31 9.68 5.49
CA TRP A 128 15.85 11.02 5.28
C TRP A 128 15.74 11.37 3.80
N SER A 129 15.63 12.68 3.54
CA SER A 129 15.59 13.15 2.15
C SER A 129 16.87 12.79 1.40
N PHE A 130 17.98 12.60 2.11
CA PHE A 130 19.22 12.25 1.44
C PHE A 130 19.18 10.84 0.86
N ALA A 131 18.36 9.96 1.44
CA ALA A 131 18.42 8.54 1.12
C ALA A 131 17.93 8.18 -0.28
N SER A 132 17.44 9.13 -1.07
CA SER A 132 16.94 8.78 -2.39
C SER A 132 18.03 8.74 -3.46
N ILE A 133 19.13 9.46 -3.26
CA ILE A 133 20.11 9.64 -4.32
C ILE A 133 20.72 8.31 -4.74
N GLU A 134 21.24 7.55 -3.77
CA GLU A 134 21.97 6.33 -4.10
C GLU A 134 21.11 5.26 -4.78
N PRO A 135 19.94 4.85 -4.25
CA PRO A 135 19.15 3.85 -4.97
C PRO A 135 18.68 4.35 -6.33
N MET A 136 18.27 5.62 -6.40
CA MET A 136 17.92 6.18 -7.70
C MET A 136 19.09 6.08 -8.67
N PHE A 137 20.30 6.44 -8.20
CA PHE A 137 21.50 6.28 -9.03
C PHE A 137 21.65 4.86 -9.55
N ASP A 138 21.25 3.87 -8.76
CA ASP A 138 21.26 2.50 -9.27
C ASP A 138 20.23 2.32 -10.39
N GLN A 139 18.96 2.69 -10.10
CA GLN A 139 17.86 2.35 -11.00
C GLN A 139 18.06 2.92 -12.41
N VAL A 140 18.43 4.19 -12.53
CA VAL A 140 18.61 4.78 -13.85
C VAL A 140 19.69 4.01 -14.62
N ARG A 141 20.79 3.66 -13.95
CA ARG A 141 21.81 2.86 -14.62
C ARG A 141 21.18 1.58 -15.13
N LYS A 142 20.39 0.92 -14.26
CA LYS A 142 19.75 -0.33 -14.63
C LYS A 142 18.80 -0.15 -15.80
N ALA A 143 18.23 1.05 -15.94
CA ALA A 143 17.27 1.28 -17.00
C ALA A 143 17.89 1.78 -18.28
N THR A 144 19.12 2.30 -18.24
CA THR A 144 19.71 2.87 -19.45
C THR A 144 20.83 2.04 -20.05
N GLY A 145 21.50 1.23 -19.25
CA GLY A 145 22.65 0.49 -19.71
C GLY A 145 23.98 1.12 -19.38
N SER A 146 23.98 2.34 -18.84
CA SER A 146 25.24 2.96 -18.44
C SER A 146 25.79 2.22 -17.23
N LYS A 147 27.11 2.09 -17.18
CA LYS A 147 27.77 1.35 -16.10
C LYS A 147 28.78 2.23 -15.38
N VAL A 148 28.57 3.54 -15.38
CA VAL A 148 29.53 4.44 -14.74
C VAL A 148 29.52 4.19 -13.24
N PRO A 149 30.68 4.10 -12.59
CA PRO A 149 30.69 3.81 -11.15
C PRO A 149 30.27 4.98 -10.30
N THR A 150 30.32 6.20 -10.82
CA THR A 150 30.04 7.40 -10.04
C THR A 150 29.06 8.29 -10.80
N TYR A 151 28.55 9.28 -10.07
CA TYR A 151 27.76 10.36 -10.64
C TYR A 151 28.33 11.68 -10.16
N ALA A 152 27.98 12.77 -10.85
CA ALA A 152 28.24 14.09 -10.33
C ALA A 152 26.93 14.69 -9.83
N ILE A 153 27.02 15.63 -8.91
CA ILE A 153 25.84 16.23 -8.31
C ILE A 153 26.06 17.73 -8.15
N TYR A 154 25.03 18.51 -8.49
CA TYR A 154 25.06 19.96 -8.42
C TYR A 154 23.76 20.45 -7.78
N GLY A 155 23.87 21.50 -6.97
CA GLY A 155 22.71 22.12 -6.36
C GLY A 155 22.91 23.60 -6.23
N HIS A 156 21.82 24.35 -6.25
CA HIS A 156 21.87 25.80 -6.12
C HIS A 156 20.97 26.23 -4.97
N SER A 157 21.44 27.22 -4.21
CA SER A 157 20.71 27.82 -3.09
C SER A 157 20.31 26.72 -2.11
N ALA A 158 19.02 26.46 -1.88
CA ALA A 158 18.64 25.37 -0.98
C ALA A 158 19.12 24.03 -1.51
N GLY A 159 19.25 23.89 -2.83
CA GLY A 159 19.90 22.72 -3.38
C GLY A 159 21.37 22.65 -3.02
N GLY A 160 22.04 23.80 -2.92
CA GLY A 160 23.42 23.80 -2.45
C GLY A 160 23.56 23.37 -1.01
N GLN A 161 22.61 23.78 -0.18
CA GLN A 161 22.56 23.29 1.20
C GLN A 161 22.37 21.78 1.21
N PHE A 162 21.40 21.29 0.43
CA PHE A 162 21.18 19.86 0.30
C PHE A 162 22.47 19.15 -0.10
N VAL A 163 23.21 19.70 -1.06
CA VAL A 163 24.35 18.98 -1.60
C VAL A 163 25.51 18.95 -0.61
N HIS A 164 25.82 20.08 0.04
CA HIS A 164 26.95 20.03 0.96
C HIS A 164 26.59 19.27 2.24
N ARG A 165 25.32 19.27 2.65
CA ARG A 165 24.94 18.41 3.76
C ARG A 165 24.94 16.94 3.36
N PHE A 166 24.58 16.64 2.11
CA PHE A 166 24.70 15.28 1.58
C PHE A 166 26.14 14.83 1.60
N VAL A 167 27.07 15.74 1.29
CA VAL A 167 28.50 15.42 1.39
C VAL A 167 28.89 15.18 2.83
N GLU A 168 28.37 16.00 3.75
CA GLU A 168 28.79 15.90 5.15
C GLU A 168 28.22 14.67 5.85
N LEU A 169 27.02 14.24 5.48
CA LEU A 169 26.30 13.24 6.25
C LEU A 169 26.06 11.94 5.50
N TRP A 170 26.51 11.81 4.26
CA TRP A 170 26.35 10.57 3.50
C TRP A 170 27.73 10.12 3.03
N PRO A 171 28.53 9.53 3.94
CA PRO A 171 29.90 9.13 3.57
C PRO A 171 29.93 8.05 2.50
N ASP A 172 28.86 7.28 2.36
CA ASP A 172 28.80 6.16 1.43
C ASP A 172 28.50 6.59 0.00
N ALA A 173 28.14 7.85 -0.22
CA ALA A 173 27.75 8.32 -1.55
C ALA A 173 28.85 8.09 -2.58
N ARG A 174 28.43 7.86 -3.82
CA ARG A 174 29.36 7.55 -4.91
C ARG A 174 29.46 8.71 -5.89
N TYR A 175 29.62 9.93 -5.40
CA TYR A 175 29.83 11.08 -6.28
C TYR A 175 31.30 11.28 -6.58
N SER A 176 31.60 11.55 -7.85
CA SER A 176 32.95 11.96 -8.25
C SER A 176 33.19 13.44 -7.98
N ARG A 177 32.14 14.24 -7.93
CA ARG A 177 32.27 15.66 -7.65
C ARG A 177 30.90 16.19 -7.26
N ALA A 178 30.86 16.99 -6.20
CA ALA A 178 29.66 17.66 -5.74
C ALA A 178 29.89 19.15 -5.84
N VAL A 179 28.94 19.88 -6.41
CA VAL A 179 29.06 21.33 -6.59
C VAL A 179 27.90 22.00 -5.86
N ALA A 180 28.22 22.79 -4.84
CA ALA A 180 27.23 23.55 -4.09
C ALA A 180 27.36 25.02 -4.45
N ALA A 181 26.31 25.57 -5.05
CA ALA A 181 26.34 26.92 -5.60
C ALA A 181 25.41 27.82 -4.81
N ASN A 182 25.96 28.92 -4.27
CA ASN A 182 25.19 30.01 -3.67
C ASN A 182 24.24 29.52 -2.57
N ALA A 183 24.74 28.63 -1.71
CA ALA A 183 23.96 28.25 -0.54
C ALA A 183 23.70 29.47 0.32
N GLY A 184 22.51 29.53 0.91
CA GLY A 184 22.15 30.69 1.72
C GLY A 184 22.93 30.74 3.02
N TRP A 185 23.14 29.59 3.63
CA TRP A 185 24.03 29.44 4.78
C TRP A 185 24.43 27.98 4.86
N TYR A 186 25.39 27.69 5.73
CA TYR A 186 26.05 26.39 5.71
C TYR A 186 25.94 25.70 7.05
N THR A 187 25.99 24.37 6.99
CA THR A 187 26.33 23.57 8.16
C THR A 187 27.85 23.58 8.27
N MET A 188 28.37 24.32 9.22
CA MET A 188 29.80 24.60 9.23
C MET A 188 30.57 23.36 9.71
N PRO A 189 31.75 23.11 9.15
CA PRO A 189 32.51 21.91 9.54
C PRO A 189 33.09 22.07 10.93
N ASP A 190 32.21 22.17 11.94
CA ASP A 190 32.58 22.43 13.31
C ASP A 190 31.84 21.45 14.21
N LEU A 191 32.59 20.66 14.98
CA LEU A 191 32.00 19.68 15.88
C LEU A 191 31.44 20.28 17.15
N ALA A 192 31.58 21.59 17.35
CA ALA A 192 31.06 22.26 18.54
C ALA A 192 29.82 23.11 18.28
N ILE A 193 29.41 23.28 17.03
CA ILE A 193 28.22 24.05 16.68
C ILE A 193 27.09 23.11 16.32
N LYS A 194 25.90 23.42 16.82
CA LYS A 194 24.75 22.51 16.74
C LYS A 194 24.13 22.51 15.35
N TYR A 195 23.71 21.32 14.90
CA TYR A 195 23.02 21.18 13.62
C TYR A 195 21.73 21.99 13.63
N PRO A 196 21.39 22.68 12.52
CA PRO A 196 22.01 22.55 11.19
C PRO A 196 23.08 23.60 10.91
N TYR A 197 23.50 24.35 11.92
CA TYR A 197 24.55 25.32 11.73
C TYR A 197 25.94 24.73 11.91
N GLY A 198 26.04 23.51 12.38
CA GLY A 198 27.30 22.82 12.54
C GLY A 198 27.07 21.33 12.63
N LEU A 199 28.12 20.61 13.00
CA LEU A 199 28.07 19.16 13.01
C LEU A 199 27.94 18.57 14.41
N LYS A 200 27.78 19.41 15.43
CA LYS A 200 27.42 18.91 16.75
C LYS A 200 25.97 18.44 16.73
N ASP A 201 25.71 17.30 17.37
CA ASP A 201 24.39 16.66 17.35
C ASP A 201 23.96 16.29 15.93
N ALA A 202 24.95 16.03 15.06
CA ALA A 202 24.74 15.56 13.71
C ALA A 202 25.32 14.16 13.54
N PRO A 203 24.72 13.32 12.69
CA PRO A 203 25.20 11.94 12.56
C PRO A 203 26.59 11.84 11.95
N THR A 204 27.59 12.41 12.62
CA THR A 204 28.98 12.32 12.20
C THR A 204 29.86 12.54 13.41
N ASP A 205 31.14 12.20 13.26
CA ASP A 205 32.10 12.34 14.35
C ASP A 205 33.39 12.92 13.77
N ALA A 206 34.45 12.89 14.57
CA ALA A 206 35.71 13.51 14.13
C ALA A 206 36.30 12.80 12.93
N ALA A 207 36.29 11.47 12.93
CA ALA A 207 36.80 10.72 11.79
C ALA A 207 35.96 10.96 10.55
N GLY A 208 34.64 11.00 10.72
CA GLY A 208 33.78 11.29 9.59
C GLY A 208 34.00 12.69 9.04
N LEU A 209 34.25 13.65 9.92
CA LEU A 209 34.52 15.00 9.45
C LEU A 209 35.85 15.04 8.71
N LYS A 210 36.85 14.32 9.21
CA LYS A 210 38.14 14.26 8.54
C LYS A 210 37.99 13.69 7.14
N ALA A 211 37.18 12.63 7.00
CA ALA A 211 36.92 12.07 5.68
C ALA A 211 36.13 13.04 4.80
N THR A 212 35.20 13.80 5.40
CA THR A 212 34.44 14.79 4.64
C THR A 212 35.34 15.85 4.04
N LEU A 213 36.34 16.31 4.81
CA LEU A 213 37.25 17.33 4.28
C LEU A 213 38.09 16.83 3.12
N GLU A 214 38.09 15.53 2.84
CA GLU A 214 38.83 14.98 1.71
C GLU A 214 37.91 14.61 0.55
N LYS A 215 36.64 14.93 0.64
CA LYS A 215 35.71 14.64 -0.43
C LYS A 215 35.80 15.68 -1.55
N PRO A 216 35.47 15.31 -2.77
CA PRO A 216 35.57 16.27 -3.89
C PRO A 216 34.39 17.23 -3.96
N LEU A 217 34.34 18.13 -2.97
CA LEU A 217 33.30 19.15 -2.88
C LEU A 217 33.83 20.49 -3.41
N THR A 218 33.01 21.16 -4.21
CA THR A 218 33.34 22.44 -4.80
C THR A 218 32.27 23.46 -4.41
N ILE A 219 32.69 24.54 -3.77
CA ILE A 219 31.79 25.64 -3.43
C ILE A 219 31.90 26.68 -4.53
N LEU A 220 30.81 26.91 -5.26
CA LEU A 220 30.78 27.84 -6.38
C LEU A 220 29.92 29.04 -6.01
N LEU A 221 30.50 30.24 -6.10
CA LEU A 221 29.80 31.44 -5.65
C LEU A 221 29.72 32.48 -6.75
N GLY A 222 28.55 33.08 -6.90
CA GLY A 222 28.39 34.22 -7.79
C GLY A 222 28.88 35.49 -7.11
N THR A 223 29.72 36.25 -7.80
CA THR A 223 30.33 37.43 -7.20
C THR A 223 29.34 38.55 -6.93
N ALA A 224 28.13 38.49 -7.49
CA ALA A 224 27.12 39.50 -7.24
C ALA A 224 26.04 39.02 -6.28
N ASP A 225 26.19 37.83 -5.68
CA ASP A 225 25.23 37.35 -4.68
C ASP A 225 25.58 37.99 -3.33
N THR A 226 25.39 39.32 -3.28
CA THR A 226 25.92 40.15 -2.21
C THR A 226 24.87 41.01 -1.52
N ASP A 227 23.59 40.77 -1.76
CA ASP A 227 22.54 41.58 -1.15
C ASP A 227 22.33 41.10 0.27
N VAL A 228 22.68 41.94 1.24
CA VAL A 228 22.49 41.57 2.64
C VAL A 228 21.03 41.61 3.04
N ASN A 229 20.14 42.07 2.17
CA ASN A 229 18.71 42.14 2.44
C ASN A 229 17.88 41.27 1.50
N HIS A 230 18.51 40.31 0.82
CA HIS A 230 17.77 39.41 -0.07
C HIS A 230 16.64 38.72 0.69
N HIS A 231 15.50 38.56 0.00
CA HIS A 231 14.28 38.14 0.68
C HIS A 231 14.29 36.67 1.08
N GLN A 232 15.21 35.88 0.55
CA GLN A 232 15.38 34.50 0.99
C GLN A 232 16.56 34.33 1.94
N LEU A 233 17.33 35.39 2.20
CA LEU A 233 18.57 35.28 2.97
C LEU A 233 18.31 35.16 4.47
N SER A 234 18.80 34.08 5.11
CA SER A 234 18.74 34.05 6.57
C SER A 234 19.54 35.14 7.21
N ARG A 235 18.95 35.67 8.25
CA ARG A 235 19.61 36.64 9.09
C ARG A 235 19.52 36.21 10.55
N THR A 236 19.41 34.91 10.83
CA THR A 236 19.53 34.48 12.22
C THR A 236 20.95 34.77 12.69
N PRO A 237 21.13 35.04 13.98
CA PRO A 237 22.50 35.30 14.48
C PRO A 237 23.49 34.21 14.14
N GLU A 238 23.06 32.94 14.20
CA GLU A 238 23.95 31.84 13.84
C GLU A 238 24.38 31.94 12.37
N ALA A 239 23.45 32.33 11.49
CA ALA A 239 23.81 32.51 10.09
C ALA A 239 24.67 33.75 9.90
N MET A 240 24.46 34.79 10.70
CA MET A 240 25.26 36.00 10.57
C MET A 240 26.69 35.78 11.04
N THR A 241 26.94 34.80 11.93
CA THR A 241 28.33 34.46 12.28
C THR A 241 29.13 34.04 11.06
N GLN A 242 28.48 33.56 10.01
CA GLN A 242 29.16 33.11 8.81
C GLN A 242 29.42 34.23 7.80
N GLY A 243 28.77 35.39 7.96
CA GLY A 243 28.94 36.47 7.01
C GLY A 243 27.64 37.21 6.70
N VAL A 244 27.74 38.33 5.97
CA VAL A 244 26.55 39.15 5.74
C VAL A 244 25.78 38.77 4.48
N HIS A 245 26.40 38.09 3.53
CA HIS A 245 25.68 37.66 2.34
C HIS A 245 26.26 36.32 1.87
N ARG A 246 25.62 35.76 0.83
CA ARG A 246 25.91 34.38 0.43
C ARG A 246 27.35 34.21 -0.04
N LEU A 247 27.90 35.22 -0.71
CA LEU A 247 29.28 35.14 -1.18
C LEU A 247 30.26 35.07 -0.01
N ALA A 248 30.12 35.98 0.95
CA ALA A 248 30.96 35.97 2.13
C ALA A 248 30.80 34.67 2.91
N ARG A 249 29.56 34.19 3.04
CA ARG A 249 29.33 32.97 3.80
C ARG A 249 29.98 31.77 3.11
N GLY A 250 29.93 31.71 1.78
CA GLY A 250 30.58 30.62 1.07
C GLY A 250 32.09 30.65 1.23
N GLU A 251 32.68 31.85 1.10
CA GLU A 251 34.13 31.96 1.31
C GLU A 251 34.52 31.56 2.73
N PHE A 252 33.73 31.99 3.72
CA PHE A 252 34.06 31.68 5.11
C PHE A 252 33.87 30.20 5.41
N PHE A 253 32.87 29.57 4.82
CA PHE A 253 32.67 28.13 5.02
C PHE A 253 33.84 27.35 4.42
N TYR A 254 34.31 27.76 3.24
CA TYR A 254 35.47 27.11 2.66
C TYR A 254 36.70 27.26 3.54
N ALA A 255 36.95 28.48 4.04
CA ALA A 255 38.12 28.70 4.88
C ALA A 255 38.04 27.93 6.19
N TYR A 256 36.84 27.83 6.76
CA TYR A 256 36.67 27.05 7.98
C TYR A 256 36.96 25.58 7.72
N GLY A 257 36.55 25.07 6.55
CA GLY A 257 36.91 23.71 6.19
C GLY A 257 38.41 23.52 6.09
N ARG A 258 39.11 24.50 5.51
CA ARG A 258 40.56 24.38 5.41
C ARG A 258 41.21 24.38 6.80
N LYS A 259 40.71 25.23 7.70
CA LYS A 259 41.26 25.30 9.04
C LYS A 259 41.08 23.98 9.77
N VAL A 260 39.87 23.43 9.78
CA VAL A 260 39.65 22.18 10.51
C VAL A 260 40.36 21.03 9.82
N ALA A 261 40.54 21.10 8.50
CA ALA A 261 41.32 20.07 7.80
C ALA A 261 42.76 20.08 8.27
N HIS A 262 43.31 21.28 8.52
CA HIS A 262 44.61 21.35 9.16
C HIS A 262 44.56 20.74 10.56
N GLU A 263 43.51 21.05 11.32
CA GLU A 263 43.42 20.56 12.69
C GLU A 263 43.36 19.03 12.73
N LEU A 264 42.69 18.42 11.77
CA LEU A 264 42.50 16.97 11.74
C LEU A 264 43.48 16.27 10.80
N ASN A 265 44.44 17.01 10.25
CA ASN A 265 45.44 16.49 9.32
C ASN A 265 44.79 15.82 8.10
N ALA A 266 43.69 16.40 7.64
CA ALA A 266 43.05 15.91 6.45
C ALA A 266 43.72 16.49 5.21
N LYS A 267 43.75 15.70 4.14
CA LYS A 267 44.27 16.17 2.86
C LYS A 267 43.14 16.96 2.20
N PHE A 268 43.09 18.26 2.49
CA PHE A 268 42.00 19.13 2.05
C PHE A 268 41.77 19.03 0.55
N ALA A 269 40.56 18.62 0.17
CA ALA A 269 40.21 18.45 -1.23
C ALA A 269 39.14 19.41 -1.72
N TRP A 270 38.55 20.23 -0.84
CA TRP A 270 37.54 21.16 -1.27
C TRP A 270 38.12 22.21 -2.21
N LYS A 271 37.26 22.77 -3.06
CA LYS A 271 37.65 23.80 -4.02
C LYS A 271 36.67 24.97 -3.94
N LEU A 272 37.19 26.16 -4.21
CA LEU A 272 36.43 27.40 -4.15
C LEU A 272 36.49 28.05 -5.52
N ASP A 273 35.33 28.24 -6.14
CA ASP A 273 35.22 28.79 -7.49
C ASP A 273 34.22 29.93 -7.54
N TYR A 274 34.37 30.80 -8.54
CA TYR A 274 33.57 32.00 -8.66
C TYR A 274 32.87 32.07 -10.02
N ALA A 275 31.66 32.64 -10.00
CA ALA A 275 30.94 32.97 -11.22
C ALA A 275 30.90 34.50 -11.35
N PRO A 276 31.76 35.10 -12.17
CA PRO A 276 31.85 36.56 -12.20
C PRO A 276 30.52 37.21 -12.60
N ASP A 277 30.09 38.17 -11.78
CA ASP A 277 28.95 39.03 -12.05
C ASP A 277 27.63 38.26 -12.17
N ILE A 278 27.55 37.09 -11.56
CA ILE A 278 26.31 36.35 -11.43
C ILE A 278 25.84 36.49 -9.97
N ALA A 279 24.52 36.57 -9.79
CA ALA A 279 23.96 36.59 -8.44
C ALA A 279 23.18 35.31 -8.18
N HIS A 280 22.08 35.41 -7.46
CA HIS A 280 21.31 34.25 -7.02
C HIS A 280 20.45 33.74 -8.18
N SER A 281 21.13 33.21 -9.19
CA SER A 281 20.49 32.74 -10.42
C SER A 281 21.02 31.38 -10.76
N ASN A 282 20.13 30.38 -10.79
CA ASN A 282 20.57 29.03 -11.11
C ASN A 282 21.02 28.91 -12.56
N THR A 283 20.40 29.64 -13.48
CA THR A 283 20.82 29.56 -14.88
C THR A 283 22.23 30.10 -15.04
N GLY A 284 22.48 31.30 -14.52
CA GLY A 284 23.81 31.88 -14.61
C GLY A 284 24.85 31.07 -13.84
N MET A 285 24.47 30.51 -12.68
CA MET A 285 25.43 29.71 -11.92
C MET A 285 25.72 28.40 -12.64
N SER A 286 24.70 27.82 -13.28
CA SER A 286 24.87 26.55 -13.97
C SER A 286 25.75 26.71 -15.20
N GLN A 287 25.69 27.88 -15.85
CA GLN A 287 26.58 28.08 -16.99
C GLN A 287 28.05 27.95 -16.58
N TYR A 288 28.40 28.30 -15.34
CA TYR A 288 29.76 28.12 -14.85
C TYR A 288 29.96 26.76 -14.20
N ALA A 289 28.94 26.23 -13.52
CA ALA A 289 29.05 24.92 -12.89
C ALA A 289 29.17 23.80 -13.90
N GLN A 290 28.71 24.04 -15.13
CA GLN A 290 28.80 23.04 -16.18
C GLN A 290 30.24 22.73 -16.54
N LYS A 291 31.17 23.62 -16.21
CA LYS A 291 32.59 23.41 -16.44
C LYS A 291 33.30 22.89 -15.19
N LEU A 292 32.55 22.54 -14.14
CA LEU A 292 33.13 22.13 -12.86
C LEU A 292 32.75 20.72 -12.41
N VAL A 293 31.62 20.18 -12.86
CA VAL A 293 31.14 18.93 -12.30
C VAL A 293 31.97 17.73 -12.75
N TRP A 294 32.73 17.86 -13.84
CA TRP A 294 33.55 16.76 -14.35
C TRP A 294 35.01 16.89 -13.97
N GLU A 295 35.30 17.59 -12.87
CA GLU A 295 36.67 17.76 -12.40
C GLU A 295 37.03 16.70 -11.34
N PRO B 30 -1.73 2.76 41.44
CA PRO B 30 -3.00 2.64 40.71
C PRO B 30 -3.92 1.59 41.31
N ASP B 31 -5.10 1.42 40.71
CA ASP B 31 -6.11 0.48 41.19
C ASP B 31 -6.65 -0.29 40.00
N LEU B 32 -6.52 -1.61 40.03
CA LEU B 32 -6.99 -2.46 38.96
C LEU B 32 -8.32 -3.08 39.36
N LYS B 33 -9.33 -2.92 38.52
CA LYS B 33 -10.61 -3.48 38.91
C LYS B 33 -10.93 -4.75 38.10
N PRO B 34 -11.73 -5.66 38.67
CA PRO B 34 -11.96 -6.99 38.08
C PRO B 34 -12.33 -7.11 36.60
N GLY B 35 -12.49 -6.02 35.87
CA GLY B 35 -12.82 -6.17 34.46
C GLY B 35 -11.70 -5.68 33.57
N ALA B 36 -12.04 -5.29 32.35
CA ALA B 36 -11.09 -4.61 31.50
C ALA B 36 -11.13 -3.14 31.89
N GLY B 37 -9.99 -2.49 31.86
CA GLY B 37 -9.94 -1.11 32.30
C GLY B 37 -8.69 -0.39 31.86
N SER B 38 -8.44 0.74 32.50
CA SER B 38 -7.32 1.59 32.15
C SER B 38 -6.80 2.30 33.39
N PHE B 39 -5.50 2.58 33.40
CA PHE B 39 -4.92 3.44 34.43
C PHE B 39 -3.73 4.20 33.84
N LEU B 40 -3.35 5.29 34.51
CA LEU B 40 -2.22 6.10 34.08
C LEU B 40 -1.00 5.79 34.93
N PHE B 41 0.10 5.42 34.29
CA PHE B 41 1.33 5.01 34.93
C PHE B 41 2.35 6.14 34.77
N THR B 42 2.88 6.62 35.89
CA THR B 42 3.85 7.71 35.91
C THR B 42 5.16 7.33 36.58
N GLY B 43 5.33 6.08 37.02
CA GLY B 43 6.50 5.69 37.77
C GLY B 43 7.74 5.39 36.96
N TRP B 44 8.06 6.24 35.98
CA TRP B 44 9.31 6.12 35.24
C TRP B 44 9.72 7.49 34.72
N ALA B 45 10.91 7.54 34.13
CA ALA B 45 11.49 8.81 33.70
C ALA B 45 10.96 9.28 32.36
N GLY B 46 10.17 8.47 31.67
CA GLY B 46 9.59 8.86 30.40
C GLY B 46 8.24 9.53 30.58
N LYS B 47 7.54 9.68 29.45
CA LYS B 47 6.23 10.30 29.46
C LYS B 47 5.19 9.39 30.13
N PRO B 48 4.20 9.97 30.80
CA PRO B 48 3.13 9.16 31.40
C PRO B 48 2.49 8.24 30.37
N LEU B 49 2.25 6.99 30.78
CA LEU B 49 1.81 5.93 29.89
C LEU B 49 0.42 5.45 30.30
N LYS B 50 -0.50 5.40 29.35
CA LYS B 50 -1.83 4.87 29.59
C LYS B 50 -1.77 3.35 29.42
N VAL B 51 -2.15 2.61 30.45
CA VAL B 51 -2.07 1.15 30.44
C VAL B 51 -3.48 0.58 30.45
N HIS B 52 -3.83 -0.13 29.38
CA HIS B 52 -5.08 -0.86 29.29
C HIS B 52 -4.87 -2.26 29.85
N TYR B 53 -5.70 -2.65 30.81
CA TYR B 53 -5.47 -3.91 31.51
C TYR B 53 -6.71 -4.78 31.51
N TYR B 54 -6.47 -6.05 31.82
CA TYR B 54 -7.51 -6.98 32.24
C TYR B 54 -7.09 -7.56 33.59
N ALA B 55 -8.01 -7.57 34.54
CA ALA B 55 -7.78 -8.15 35.85
C ALA B 55 -8.79 -9.24 36.15
N PRO B 56 -8.36 -10.37 36.71
CA PRO B 56 -9.32 -11.40 37.13
C PRO B 56 -10.17 -10.90 38.29
N ASP B 57 -11.25 -11.64 38.58
CA ASP B 57 -12.16 -11.21 39.64
C ASP B 57 -11.49 -11.24 41.00
N LYS B 58 -10.61 -12.22 41.23
CA LYS B 58 -9.88 -12.36 42.48
C LYS B 58 -8.39 -12.39 42.18
N ILE B 59 -7.63 -11.46 42.76
CA ILE B 59 -6.16 -11.43 42.63
C ILE B 59 -5.54 -12.11 43.84
N THR B 60 -4.70 -13.10 43.59
CA THR B 60 -3.94 -13.79 44.63
C THR B 60 -2.46 -13.45 44.51
N GLU B 61 -1.65 -14.07 45.35
CA GLU B 61 -0.21 -13.87 45.29
C GLU B 61 0.43 -14.62 44.14
N THR B 62 -0.28 -15.57 43.53
CA THR B 62 0.23 -16.31 42.38
C THR B 62 -0.46 -15.90 41.09
N THR B 63 -1.23 -14.80 41.10
CA THR B 63 -1.84 -14.31 39.88
C THR B 63 -0.74 -13.82 38.95
N ARG B 64 -0.67 -14.43 37.76
CA ARG B 64 0.39 -14.11 36.83
C ARG B 64 0.12 -12.77 36.14
N ILE B 65 1.14 -12.26 35.48
CA ILE B 65 1.10 -10.96 34.83
C ILE B 65 1.72 -11.10 33.44
N LEU B 66 0.99 -10.66 32.43
CA LEU B 66 1.43 -10.74 31.05
C LEU B 66 1.43 -9.35 30.44
N PHE B 67 2.58 -8.92 29.92
CA PHE B 67 2.69 -7.69 29.15
C PHE B 67 2.38 -8.00 27.69
N VAL B 68 1.46 -7.24 27.10
CA VAL B 68 1.10 -7.39 25.69
C VAL B 68 1.47 -6.08 25.01
N ILE B 69 2.31 -6.17 23.97
CA ILE B 69 2.89 -5.02 23.31
C ILE B 69 2.26 -4.87 21.94
N HIS B 70 1.64 -3.73 21.68
CA HIS B 70 0.91 -3.49 20.44
C HIS B 70 1.87 -3.20 19.29
N GLY B 71 1.32 -3.16 18.08
CA GLY B 71 2.09 -2.92 16.87
C GLY B 71 2.17 -1.45 16.52
N ALA B 72 2.42 -1.18 15.24
CA ALA B 72 2.63 0.19 14.79
C ALA B 72 1.34 1.01 14.82
N GLY B 73 0.17 0.37 14.76
CA GLY B 73 -1.06 1.11 14.86
C GLY B 73 -1.44 1.57 16.25
N ARG B 74 -0.62 1.26 17.26
CA ARG B 74 -0.85 1.67 18.65
C ARG B 74 -2.24 1.31 19.16
N ASN B 75 -2.76 0.17 18.72
CA ASN B 75 -4.08 -0.29 19.14
C ASN B 75 -3.93 -1.07 20.45
N ALA B 76 -3.73 -0.32 21.54
CA ALA B 76 -3.45 -0.95 22.83
C ALA B 76 -4.69 -1.64 23.39
N ASP B 77 -5.84 -0.94 23.38
CA ASP B 77 -7.05 -1.54 23.94
C ASP B 77 -7.47 -2.75 23.13
N GLY B 78 -7.29 -2.72 21.82
CA GLY B 78 -7.61 -3.89 21.01
C GLY B 78 -6.68 -5.06 21.30
N TYR B 79 -5.42 -4.77 21.57
CA TYR B 79 -4.49 -5.84 21.92
C TYR B 79 -4.86 -6.45 23.27
N ARG B 80 -5.33 -5.62 24.20
CA ARG B 80 -5.81 -6.16 25.47
C ARG B 80 -7.08 -6.99 25.28
N ASP B 81 -7.99 -6.51 24.43
CA ASP B 81 -9.22 -7.24 24.17
C ASP B 81 -8.92 -8.61 23.59
N ALA B 82 -7.91 -8.68 22.71
CA ALA B 82 -7.58 -9.97 22.10
C ALA B 82 -7.18 -11.00 23.15
N TRP B 83 -6.62 -10.55 24.27
CA TRP B 83 -6.16 -11.48 25.28
C TRP B 83 -7.15 -11.68 26.42
N ILE B 84 -8.19 -10.83 26.50
CA ILE B 84 -9.19 -10.98 27.57
C ILE B 84 -9.64 -12.42 27.78
N PRO B 85 -10.06 -13.19 26.76
CA PRO B 85 -10.51 -14.57 27.04
C PRO B 85 -9.44 -15.50 27.61
N TYR B 86 -8.21 -15.44 27.10
CA TYR B 86 -7.20 -16.34 27.63
C TYR B 86 -6.81 -15.93 29.03
N ALA B 87 -6.85 -14.64 29.30
CA ALA B 87 -6.60 -14.17 30.66
C ALA B 87 -7.74 -14.50 31.65
N LYS B 88 -9.03 -14.55 31.24
CA LYS B 88 -10.05 -14.99 32.20
C LYS B 88 -9.94 -16.50 32.44
N GLU B 89 -9.55 -17.26 31.41
CA GLU B 89 -9.50 -18.70 31.66
C GLU B 89 -8.23 -19.09 32.40
N GLY B 90 -7.18 -18.28 32.28
CA GLY B 90 -5.98 -18.57 33.05
C GLY B 90 -5.88 -17.76 34.33
N GLN B 91 -6.83 -16.84 34.51
CA GLN B 91 -6.94 -16.01 35.71
C GLN B 91 -5.63 -15.25 35.98
N TYR B 92 -5.21 -14.49 34.99
CA TYR B 92 -4.01 -13.68 35.12
C TYR B 92 -4.27 -12.26 34.62
N ILE B 93 -3.40 -11.36 35.02
CA ILE B 93 -3.50 -9.94 34.69
C ILE B 93 -2.84 -9.72 33.33
N VAL B 94 -3.46 -8.88 32.51
CA VAL B 94 -2.91 -8.48 31.22
C VAL B 94 -2.69 -6.97 31.27
N LEU B 95 -1.48 -6.53 30.88
CA LEU B 95 -1.12 -5.12 30.86
C LEU B 95 -0.67 -4.76 29.46
N THR B 96 -1.31 -3.74 28.87
CA THR B 96 -0.95 -3.24 27.55
C THR B 96 -0.64 -1.75 27.64
N PRO B 97 0.64 -1.38 27.67
CA PRO B 97 0.98 0.04 27.65
C PRO B 97 0.75 0.62 26.27
N GLU B 98 0.18 1.83 26.24
CA GLU B 98 -0.16 2.50 24.99
C GLU B 98 0.92 3.52 24.68
N TYR B 99 1.81 3.17 23.76
CA TYR B 99 2.81 4.09 23.24
C TYR B 99 2.15 4.86 22.11
N SER B 100 1.37 5.88 22.50
CA SER B 100 0.53 6.63 21.59
C SER B 100 1.36 7.26 20.48
N MET B 101 0.67 7.59 19.38
CA MET B 101 1.31 8.32 18.30
C MET B 101 1.71 9.72 18.74
N ALA B 102 0.98 10.30 19.69
CA ALA B 102 1.27 11.66 20.14
C ALA B 102 2.55 11.73 20.94
N ASP B 103 2.75 10.78 21.86
CA ASP B 103 3.91 10.80 22.73
C ASP B 103 5.10 10.06 22.16
N PHE B 104 4.91 9.19 21.18
CA PHE B 104 5.99 8.45 20.54
C PHE B 104 5.78 8.54 19.04
N PRO B 105 6.11 9.68 18.42
CA PRO B 105 5.69 9.91 17.04
C PRO B 105 6.32 8.98 16.02
N THR B 106 7.58 8.58 16.18
CA THR B 106 8.26 7.80 15.17
C THR B 106 8.57 6.39 15.65
N SER B 107 8.96 5.55 14.69
CA SER B 107 9.40 4.20 15.01
C SER B 107 10.59 4.21 15.96
N LEU B 108 11.54 5.13 15.75
CA LEU B 108 12.73 5.21 16.60
C LEU B 108 12.38 5.43 18.06
N THR B 109 11.31 6.18 18.34
CA THR B 109 10.92 6.44 19.72
C THR B 109 10.20 5.27 20.40
N TYR B 110 9.65 4.33 19.62
CA TYR B 110 8.83 3.26 20.19
C TYR B 110 9.54 1.94 20.03
N ASN B 111 9.36 1.21 18.93
CA ASN B 111 9.80 -0.18 18.86
C ASN B 111 11.30 -0.33 18.60
N VAL B 112 11.99 0.73 18.19
CA VAL B 112 13.44 0.67 18.10
C VAL B 112 14.09 0.90 19.46
N GLY B 113 13.35 1.46 20.41
CA GLY B 113 13.82 1.58 21.77
C GLY B 113 14.27 2.97 22.16
N HIS B 114 14.51 3.84 21.17
CA HIS B 114 14.98 5.21 21.44
C HIS B 114 16.26 5.21 22.27
N ILE B 115 17.17 4.30 21.95
CA ILE B 115 18.40 4.19 22.72
C ILE B 115 19.46 5.20 22.32
N VAL B 116 19.34 5.84 21.15
CA VAL B 116 20.25 6.89 20.71
C VAL B 116 19.44 8.08 20.22
N ASP B 117 20.11 9.24 20.17
CA ASP B 117 19.48 10.44 19.63
C ASP B 117 19.64 10.47 18.11
N GLU B 118 19.20 11.56 17.50
CA GLU B 118 19.29 11.70 16.04
C GLU B 118 20.73 11.61 15.55
N ALA B 119 21.71 11.90 16.41
CA ALA B 119 23.11 11.87 16.00
C ALA B 119 23.79 10.54 16.27
N GLY B 120 23.13 9.65 17.01
CA GLY B 120 23.70 8.36 17.34
C GLY B 120 24.35 8.31 18.69
N ASN B 121 24.21 9.35 19.49
CA ASN B 121 24.79 9.40 20.82
C ASN B 121 23.88 8.70 21.80
N PRO B 122 24.42 7.83 22.66
CA PRO B 122 23.57 7.08 23.58
C PRO B 122 22.74 8.00 24.48
N ARG B 123 21.53 7.58 24.72
CA ARG B 123 20.59 8.22 25.63
C ARG B 123 20.56 7.43 26.93
N PRO B 124 20.26 8.07 28.07
CA PRO B 124 20.26 7.31 29.32
C PRO B 124 19.22 6.21 29.27
N ARG B 125 19.61 5.02 29.75
CA ARG B 125 18.78 3.84 29.56
C ARG B 125 17.40 4.01 30.21
N GLU B 126 17.31 4.78 31.29
CA GLU B 126 16.02 5.03 31.93
C GLU B 126 15.07 5.84 31.05
N GLU B 127 15.56 6.43 29.96
CA GLU B 127 14.74 7.16 29.02
C GLU B 127 14.36 6.34 27.80
N TRP B 128 14.87 5.11 27.69
CA TRP B 128 14.45 4.22 26.61
C TRP B 128 12.97 3.90 26.74
N SER B 129 12.34 3.58 25.60
CA SER B 129 10.97 3.12 25.65
C SER B 129 10.85 1.80 26.43
N PHE B 130 11.94 1.02 26.48
CA PHE B 130 11.93 -0.25 27.22
C PHE B 130 11.87 -0.02 28.73
N ALA B 131 12.39 1.12 29.20
CA ALA B 131 12.59 1.34 30.63
C ALA B 131 11.30 1.42 31.42
N SER B 132 10.16 1.31 30.76
CA SER B 132 8.89 1.34 31.46
C SER B 132 8.47 -0.02 31.96
N ILE B 133 8.95 -1.12 31.35
CA ILE B 133 8.38 -2.43 31.67
C ILE B 133 8.62 -2.79 33.13
N GLU B 134 9.89 -2.71 33.58
CA GLU B 134 10.23 -3.18 34.91
C GLU B 134 9.56 -2.38 36.03
N PRO B 135 9.60 -1.05 36.06
CA PRO B 135 8.90 -0.36 37.16
C PRO B 135 7.40 -0.60 37.16
N MET B 136 6.77 -0.63 35.98
CA MET B 136 5.34 -0.91 35.91
C MET B 136 5.05 -2.27 36.55
N PHE B 137 5.85 -3.28 36.21
CA PHE B 137 5.71 -4.61 36.81
C PHE B 137 5.75 -4.53 38.33
N ASP B 138 6.60 -3.66 38.88
CA ASP B 138 6.61 -3.48 40.33
C ASP B 138 5.29 -2.86 40.79
N GLN B 139 4.91 -1.74 40.20
CA GLN B 139 3.75 -1.01 40.70
C GLN B 139 2.51 -1.88 40.69
N VAL B 140 2.29 -2.58 39.58
CA VAL B 140 1.12 -3.45 39.46
C VAL B 140 1.13 -4.50 40.56
N ARG B 141 2.30 -5.11 40.80
CA ARG B 141 2.39 -6.10 41.86
C ARG B 141 1.99 -5.50 43.19
N LYS B 142 2.47 -4.28 43.48
CA LYS B 142 2.14 -3.64 44.73
C LYS B 142 0.67 -3.28 44.83
N ALA B 143 0.01 -3.03 43.69
CA ALA B 143 -1.35 -2.52 43.74
C ALA B 143 -2.41 -3.61 43.76
N THR B 144 -2.08 -4.83 43.35
CA THR B 144 -3.05 -5.90 43.26
C THR B 144 -2.92 -6.95 44.34
N GLY B 145 -1.74 -7.09 44.94
CA GLY B 145 -1.45 -8.14 45.90
C GLY B 145 -0.71 -9.32 45.32
N SER B 146 -0.50 -9.35 44.00
CA SER B 146 0.29 -10.43 43.42
C SER B 146 1.75 -10.26 43.80
N LYS B 147 2.42 -11.37 44.08
CA LYS B 147 3.83 -11.35 44.46
C LYS B 147 4.65 -12.24 43.55
N VAL B 148 4.19 -12.44 42.32
CA VAL B 148 4.88 -13.35 41.40
C VAL B 148 6.26 -12.77 41.06
N PRO B 149 7.31 -13.57 41.09
CA PRO B 149 8.66 -13.02 40.83
C PRO B 149 8.90 -12.67 39.38
N THR B 150 8.12 -13.22 38.45
CA THR B 150 8.33 -13.05 37.03
C THR B 150 7.04 -12.61 36.36
N TYR B 151 7.18 -12.13 35.13
CA TYR B 151 6.06 -11.84 34.26
C TYR B 151 6.35 -12.46 32.90
N ALA B 152 5.32 -12.61 32.09
CA ALA B 152 5.51 -12.95 30.69
C ALA B 152 5.26 -11.70 29.85
N ILE B 153 5.84 -11.67 28.66
CA ILE B 153 5.71 -10.50 27.77
C ILE B 153 5.51 -11.02 26.36
N TYR B 154 4.57 -10.39 25.65
CA TYR B 154 4.22 -10.77 24.29
C TYR B 154 4.11 -9.52 23.43
N GLY B 155 4.54 -9.63 22.19
CA GLY B 155 4.42 -8.54 21.24
C GLY B 155 4.20 -9.07 19.84
N HIS B 156 3.49 -8.30 19.03
CA HIS B 156 3.23 -8.68 17.66
C HIS B 156 3.66 -7.56 16.72
N SER B 157 4.25 -7.96 15.59
CA SER B 157 4.72 -7.05 14.53
C SER B 157 5.72 -6.08 15.15
N ALA B 158 5.44 -4.77 15.16
CA ALA B 158 6.37 -3.83 15.79
C ALA B 158 6.51 -4.12 17.28
N GLY B 159 5.49 -4.70 17.89
CA GLY B 159 5.63 -5.18 19.25
C GLY B 159 6.59 -6.35 19.38
N GLY B 160 6.67 -7.20 18.36
CA GLY B 160 7.66 -8.27 18.36
C GLY B 160 9.09 -7.74 18.23
N GLN B 161 9.27 -6.71 17.42
CA GLN B 161 10.56 -6.03 17.37
C GLN B 161 10.90 -5.45 18.74
N PHE B 162 9.93 -4.76 19.35
CA PHE B 162 10.08 -4.24 20.70
C PHE B 162 10.53 -5.34 21.66
N VAL B 163 9.90 -6.51 21.58
CA VAL B 163 10.13 -7.55 22.58
C VAL B 163 11.51 -8.17 22.41
N HIS B 164 11.90 -8.50 21.18
CA HIS B 164 13.20 -9.12 21.04
C HIS B 164 14.34 -8.13 21.23
N ARG B 165 14.11 -6.85 20.94
CA ARG B 165 15.12 -5.85 21.28
C ARG B 165 15.19 -5.61 22.78
N PHE B 166 14.05 -5.68 23.47
CA PHE B 166 14.01 -5.62 24.92
C PHE B 166 14.80 -6.78 25.53
N VAL B 167 14.70 -7.95 24.91
CA VAL B 167 15.49 -9.11 25.34
C VAL B 167 16.97 -8.84 25.12
N GLU B 168 17.32 -8.23 23.99
CA GLU B 168 18.73 -8.04 23.67
C GLU B 168 19.37 -6.93 24.51
N LEU B 169 18.62 -5.91 24.89
CA LEU B 169 19.22 -4.70 25.45
C LEU B 169 18.82 -4.38 26.88
N TRP B 170 17.99 -5.20 27.52
CA TRP B 170 17.59 -4.98 28.91
C TRP B 170 17.93 -6.25 29.69
N PRO B 171 19.22 -6.43 30.05
CA PRO B 171 19.64 -7.69 30.68
C PRO B 171 19.01 -7.93 32.04
N ASP B 172 18.62 -6.89 32.75
CA ASP B 172 18.10 -7.04 34.11
C ASP B 172 16.64 -7.48 34.15
N ALA B 173 15.97 -7.54 32.99
CA ALA B 173 14.55 -7.81 32.95
C ALA B 173 14.19 -9.12 33.65
N ARG B 174 13.00 -9.15 34.26
CA ARG B 174 12.54 -10.27 35.06
C ARG B 174 11.40 -11.03 34.39
N TYR B 175 11.50 -11.30 33.09
CA TYR B 175 10.50 -12.10 32.39
C TYR B 175 10.85 -13.58 32.44
N SER B 176 9.84 -14.41 32.68
CA SER B 176 9.98 -15.85 32.59
C SER B 176 9.95 -16.33 31.15
N ARG B 177 9.31 -15.57 30.26
CA ARG B 177 9.25 -15.93 28.86
C ARG B 177 8.84 -14.69 28.06
N ALA B 178 9.54 -14.45 26.95
CA ALA B 178 9.20 -13.39 26.01
C ALA B 178 8.89 -14.02 24.67
N VAL B 179 7.78 -13.65 24.06
CA VAL B 179 7.37 -14.20 22.77
C VAL B 179 7.21 -13.07 21.78
N ALA B 180 8.01 -13.10 20.72
CA ALA B 180 7.98 -12.10 19.66
C ALA B 180 7.34 -12.73 18.43
N ALA B 181 6.21 -12.17 18.00
CA ALA B 181 5.40 -12.74 16.92
C ALA B 181 5.43 -11.84 15.70
N ASN B 182 5.86 -12.40 14.56
CA ASN B 182 5.73 -11.78 13.24
C ASN B 182 6.38 -10.40 13.18
N ALA B 183 7.57 -10.27 13.76
CA ALA B 183 8.33 -9.04 13.60
C ALA B 183 8.63 -8.81 12.12
N GLY B 184 8.60 -7.55 11.70
CA GLY B 184 8.81 -7.26 10.29
C GLY B 184 10.25 -7.50 9.87
N TRP B 185 11.19 -7.14 10.73
CA TRP B 185 12.60 -7.48 10.57
C TRP B 185 13.24 -7.39 11.93
N TYR B 186 14.47 -7.84 12.03
CA TYR B 186 15.08 -8.08 13.33
C TYR B 186 16.34 -7.25 13.52
N THR B 187 16.63 -6.99 14.79
CA THR B 187 17.98 -6.63 15.21
C THR B 187 18.74 -7.93 15.34
N MET B 188 19.63 -8.19 14.40
CA MET B 188 20.20 -9.53 14.32
C MET B 188 21.28 -9.70 15.40
N PRO B 189 21.39 -10.89 15.99
CA PRO B 189 22.38 -11.11 17.05
C PRO B 189 23.79 -11.18 16.47
N ASP B 190 24.23 -10.08 15.86
CA ASP B 190 25.51 -10.00 15.18
C ASP B 190 26.21 -8.74 15.66
N LEU B 191 27.37 -8.91 16.26
CA LEU B 191 28.12 -7.79 16.83
C LEU B 191 28.84 -6.96 15.78
N ALA B 192 28.79 -7.34 14.51
CA ALA B 192 29.43 -6.59 13.44
C ALA B 192 28.46 -5.80 12.57
N ILE B 193 27.15 -5.97 12.73
CA ILE B 193 26.17 -5.23 11.95
C ILE B 193 25.61 -4.12 12.83
N LYS B 194 25.47 -2.93 12.26
CA LYS B 194 25.14 -1.74 13.04
C LYS B 194 23.66 -1.71 13.41
N TYR B 195 23.39 -1.27 14.64
CA TYR B 195 22.02 -1.11 15.10
C TYR B 195 21.29 -0.11 14.20
N PRO B 196 20.02 -0.38 13.84
CA PRO B 196 19.16 -1.40 14.40
C PRO B 196 19.10 -2.72 13.63
N TYR B 197 19.94 -2.91 12.62
CA TYR B 197 19.95 -4.17 11.90
C TYR B 197 20.83 -5.21 12.57
N GLY B 198 21.62 -4.82 13.55
CA GLY B 198 22.48 -5.68 14.30
C GLY B 198 22.80 -5.03 15.63
N LEU B 199 23.76 -5.60 16.34
CA LEU B 199 24.06 -5.14 17.69
C LEU B 199 25.35 -4.33 17.78
N LYS B 200 25.98 -4.02 16.64
CA LYS B 200 27.13 -3.14 16.66
C LYS B 200 26.67 -1.72 16.95
N ASP B 201 27.45 -1.01 17.77
CA ASP B 201 27.10 0.34 18.25
C ASP B 201 25.83 0.32 19.08
N ALA B 202 25.54 -0.82 19.70
CA ALA B 202 24.45 -0.97 20.63
C ALA B 202 25.02 -1.28 22.00
N PRO B 203 24.37 -0.82 23.08
CA PRO B 203 24.94 -1.00 24.42
C PRO B 203 24.98 -2.45 24.87
N THR B 204 25.74 -3.28 24.16
CA THR B 204 25.94 -4.67 24.56
C THR B 204 27.24 -5.16 23.93
N ASP B 205 27.74 -6.27 24.44
CA ASP B 205 28.99 -6.85 23.95
C ASP B 205 28.82 -8.36 23.85
N ALA B 206 29.95 -9.06 23.68
CA ALA B 206 29.94 -10.50 23.45
C ALA B 206 29.39 -11.27 24.65
N ALA B 207 29.80 -10.88 25.87
CA ALA B 207 29.26 -11.54 27.05
C ALA B 207 27.77 -11.28 27.19
N GLY B 208 27.35 -10.03 26.94
CA GLY B 208 25.94 -9.70 27.00
C GLY B 208 25.15 -10.43 25.94
N LEU B 209 25.73 -10.60 24.75
CA LEU B 209 25.04 -11.34 23.70
C LEU B 209 24.93 -12.82 24.05
N LYS B 210 25.97 -13.40 24.66
CA LYS B 210 25.87 -14.79 25.11
C LYS B 210 24.76 -14.97 26.14
N ALA B 211 24.67 -14.03 27.09
CA ALA B 211 23.59 -14.13 28.06
C ALA B 211 22.23 -13.91 27.39
N THR B 212 22.17 -13.02 26.39
CA THR B 212 20.94 -12.82 25.63
C THR B 212 20.53 -14.09 24.90
N LEU B 213 21.51 -14.78 24.31
CA LEU B 213 21.27 -16.04 23.62
C LEU B 213 20.87 -17.15 24.58
N GLU B 214 21.03 -16.93 25.89
CA GLU B 214 20.54 -17.89 26.87
C GLU B 214 19.22 -17.46 27.51
N LYS B 215 18.63 -16.37 27.05
CA LYS B 215 17.36 -15.91 27.62
C LYS B 215 16.20 -16.67 26.99
N PRO B 216 15.07 -16.81 27.71
CA PRO B 216 13.92 -17.59 27.20
C PRO B 216 13.04 -16.80 26.23
N LEU B 217 13.61 -16.57 25.04
CA LEU B 217 12.90 -15.88 23.96
C LEU B 217 12.33 -16.89 22.99
N THR B 218 11.09 -16.67 22.57
CA THR B 218 10.39 -17.53 21.64
C THR B 218 9.99 -16.70 20.43
N ILE B 219 10.44 -17.12 19.26
CA ILE B 219 10.05 -16.48 18.01
C ILE B 219 8.88 -17.26 17.43
N LEU B 220 7.73 -16.61 17.35
CA LEU B 220 6.50 -17.23 16.89
C LEU B 220 6.13 -16.65 15.53
N LEU B 221 5.93 -17.51 14.53
CA LEU B 221 5.69 -17.07 13.17
C LEU B 221 4.42 -17.69 12.63
N GLY B 222 3.60 -16.88 11.96
CA GLY B 222 2.48 -17.40 11.22
C GLY B 222 2.94 -17.92 9.86
N THR B 223 2.54 -19.15 9.54
CA THR B 223 3.00 -19.77 8.30
C THR B 223 2.45 -19.09 7.04
N ALA B 224 1.44 -18.23 7.17
CA ALA B 224 0.88 -17.53 6.02
C ALA B 224 1.30 -16.07 5.98
N ASP B 225 2.18 -15.64 6.88
CA ASP B 225 2.73 -14.28 6.84
C ASP B 225 3.87 -14.25 5.81
N THR B 226 3.48 -14.40 4.54
CA THR B 226 4.41 -14.68 3.47
C THR B 226 4.36 -13.68 2.32
N ASP B 227 3.67 -12.56 2.49
CA ASP B 227 3.50 -11.59 1.42
C ASP B 227 4.76 -10.72 1.33
N VAL B 228 5.53 -10.89 0.26
CA VAL B 228 6.73 -10.09 0.07
C VAL B 228 6.43 -8.66 -0.31
N ASN B 229 5.16 -8.35 -0.57
CA ASN B 229 4.73 -6.99 -0.92
C ASN B 229 3.77 -6.41 0.10
N HIS B 230 3.70 -6.98 1.31
CA HIS B 230 2.85 -6.46 2.36
C HIS B 230 3.16 -4.99 2.63
N HIS B 231 2.11 -4.20 2.87
CA HIS B 231 2.26 -2.76 2.88
C HIS B 231 3.02 -2.24 4.10
N GLN B 232 3.24 -3.06 5.12
CA GLN B 232 4.06 -2.67 6.25
C GLN B 232 5.45 -3.27 6.23
N LEU B 233 5.75 -4.12 5.25
CA LEU B 233 7.01 -4.85 5.21
C LEU B 233 8.14 -3.93 4.76
N SER B 234 9.13 -3.75 5.61
CA SER B 234 10.32 -3.01 5.21
C SER B 234 11.05 -3.76 4.10
N ARG B 235 11.51 -3.01 3.08
CA ARG B 235 12.21 -3.62 1.96
C ARG B 235 13.53 -2.92 1.67
N THR B 236 14.14 -2.36 2.70
CA THR B 236 15.51 -1.86 2.59
C THR B 236 16.47 -3.02 2.33
N PRO B 237 17.61 -2.76 1.67
CA PRO B 237 18.56 -3.86 1.42
C PRO B 237 18.97 -4.61 2.68
N GLU B 238 19.18 -3.88 3.78
CA GLU B 238 19.52 -4.52 5.05
C GLU B 238 18.41 -5.44 5.51
N ALA B 239 17.15 -5.06 5.27
CA ALA B 239 16.04 -5.92 5.64
C ALA B 239 15.97 -7.14 4.72
N MET B 240 16.31 -6.97 3.44
CA MET B 240 16.28 -8.09 2.51
C MET B 240 17.38 -9.10 2.77
N THR B 241 18.48 -8.70 3.41
CA THR B 241 19.49 -9.70 3.79
C THR B 241 18.90 -10.74 4.74
N GLN B 242 17.83 -10.43 5.45
CA GLN B 242 17.24 -11.38 6.38
C GLN B 242 16.19 -12.28 5.73
N GLY B 243 15.72 -11.93 4.53
CA GLY B 243 14.70 -12.72 3.86
C GLY B 243 13.67 -11.89 3.12
N VAL B 244 12.80 -12.55 2.34
CA VAL B 244 11.85 -11.83 1.52
C VAL B 244 10.50 -11.56 2.21
N HIS B 245 10.17 -12.32 3.26
CA HIS B 245 8.94 -12.05 4.00
C HIS B 245 9.16 -12.38 5.47
N ARG B 246 8.15 -12.08 6.28
CA ARG B 246 8.34 -12.10 7.73
C ARG B 246 8.65 -13.51 8.25
N LEU B 247 8.04 -14.53 7.64
CA LEU B 247 8.31 -15.91 8.07
C LEU B 247 9.76 -16.29 7.83
N ALA B 248 10.25 -16.04 6.61
CA ALA B 248 11.63 -16.34 6.28
C ALA B 248 12.60 -15.58 7.20
N ARG B 249 12.31 -14.31 7.46
CA ARG B 249 13.18 -13.50 8.29
C ARG B 249 13.19 -14.01 9.73
N GLY B 250 12.05 -14.43 10.26
CA GLY B 250 12.04 -14.98 11.61
C GLY B 250 12.85 -16.25 11.71
N GLU B 251 12.68 -17.16 10.74
CA GLU B 251 13.47 -18.39 10.77
C GLU B 251 14.96 -18.09 10.67
N PHE B 252 15.34 -17.13 9.83
CA PHE B 252 16.75 -16.80 9.64
C PHE B 252 17.32 -16.13 10.89
N PHE B 253 16.51 -15.32 11.59
CA PHE B 253 16.94 -14.71 12.83
C PHE B 253 17.19 -15.76 13.91
N TYR B 254 16.29 -16.76 13.99
CA TYR B 254 16.50 -17.85 14.93
C TYR B 254 17.77 -18.62 14.62
N ALA B 255 17.98 -18.94 13.34
CA ALA B 255 19.17 -19.70 12.96
C ALA B 255 20.45 -18.91 13.21
N TYR B 256 20.40 -17.59 12.97
CA TYR B 256 21.56 -16.75 13.26
C TYR B 256 21.87 -16.71 14.74
N GLY B 257 20.83 -16.69 15.58
CA GLY B 257 21.06 -16.78 17.00
C GLY B 257 21.70 -18.09 17.40
N ARG B 258 21.26 -19.20 16.80
CA ARG B 258 21.86 -20.49 17.09
C ARG B 258 23.33 -20.53 16.66
N LYS B 259 23.62 -19.95 15.49
CA LYS B 259 25.00 -19.90 15.02
C LYS B 259 25.88 -19.11 15.99
N VAL B 260 25.44 -17.93 16.39
CA VAL B 260 26.27 -17.12 17.28
C VAL B 260 26.35 -17.76 18.66
N ALA B 261 25.31 -18.50 19.06
CA ALA B 261 25.38 -19.22 20.34
C ALA B 261 26.45 -20.29 20.30
N HIS B 262 26.60 -20.97 19.16
CA HIS B 262 27.72 -21.88 19.00
C HIS B 262 29.05 -21.12 19.08
N GLU B 263 29.14 -19.97 18.41
CA GLU B 263 30.38 -19.21 18.39
C GLU B 263 30.79 -18.75 19.79
N LEU B 264 29.83 -18.38 20.63
CA LEU B 264 30.11 -17.86 21.96
C LEU B 264 29.96 -18.93 23.06
N ASN B 265 29.74 -20.18 22.69
CA ASN B 265 29.54 -21.26 23.66
C ASN B 265 28.37 -20.94 24.59
N ALA B 266 27.32 -20.37 24.02
CA ALA B 266 26.12 -20.05 24.78
C ALA B 266 25.21 -21.25 24.88
N LYS B 267 24.52 -21.33 26.03
CA LYS B 267 23.51 -22.37 26.23
C LYS B 267 22.24 -21.89 25.53
N PHE B 268 22.14 -22.21 24.24
CA PHE B 268 21.09 -21.67 23.38
C PHE B 268 19.70 -21.96 23.95
N ALA B 269 18.95 -20.89 24.26
CA ALA B 269 17.63 -21.03 24.86
C ALA B 269 16.49 -20.53 23.98
N TRP B 270 16.77 -19.93 22.83
CA TRP B 270 15.70 -19.47 21.95
C TRP B 270 14.91 -20.64 21.41
N LYS B 271 13.65 -20.40 21.10
CA LYS B 271 12.79 -21.42 20.55
C LYS B 271 12.06 -20.87 19.34
N LEU B 272 11.75 -21.75 18.39
CA LEU B 272 11.08 -21.40 17.14
C LEU B 272 9.78 -22.17 17.02
N ASP B 273 8.66 -21.46 16.95
CA ASP B 273 7.34 -22.09 16.86
C ASP B 273 6.50 -21.44 15.75
N TYR B 274 5.52 -22.20 15.26
CA TYR B 274 4.73 -21.80 14.11
C TYR B 274 3.24 -21.74 14.48
N ALA B 275 2.55 -20.78 13.86
CA ALA B 275 1.09 -20.69 13.90
C ALA B 275 0.55 -21.04 12.52
N PRO B 276 0.06 -22.27 12.32
CA PRO B 276 -0.32 -22.70 10.97
C PRO B 276 -1.40 -21.82 10.35
N ASP B 277 -1.13 -21.37 9.12
CA ASP B 277 -2.10 -20.66 8.29
C ASP B 277 -2.55 -19.34 8.92
N ILE B 278 -1.72 -18.76 9.77
CA ILE B 278 -1.96 -17.42 10.30
C ILE B 278 -1.06 -16.45 9.56
N ALA B 279 -1.59 -15.25 9.30
CA ALA B 279 -0.86 -14.19 8.61
C ALA B 279 -0.52 -13.06 9.60
N HIS B 280 -0.49 -11.82 9.11
CA HIS B 280 -0.11 -10.66 9.91
C HIS B 280 -1.32 -10.19 10.73
N SER B 281 -1.70 -11.02 11.71
CA SER B 281 -2.90 -10.80 12.51
C SER B 281 -2.60 -11.06 13.98
N ASN B 282 -2.79 -10.05 14.83
CA ASN B 282 -2.51 -10.24 16.25
C ASN B 282 -3.47 -11.24 16.90
N THR B 283 -4.73 -11.30 16.47
CA THR B 283 -5.68 -12.22 17.10
C THR B 283 -5.28 -13.68 16.86
N GLY B 284 -5.08 -14.05 15.60
CA GLY B 284 -4.69 -15.42 15.31
C GLY B 284 -3.36 -15.80 15.92
N MET B 285 -2.42 -14.86 15.96
CA MET B 285 -1.13 -15.12 16.60
C MET B 285 -1.29 -15.24 18.10
N SER B 286 -2.19 -14.46 18.68
CA SER B 286 -2.40 -14.55 20.12
C SER B 286 -3.03 -15.87 20.48
N GLN B 287 -3.86 -16.45 19.61
CA GLN B 287 -4.34 -17.76 20.06
C GLN B 287 -3.24 -18.80 20.18
N TYR B 288 -2.19 -18.65 19.41
CA TYR B 288 -1.15 -19.63 19.59
C TYR B 288 -0.20 -19.19 20.68
N ALA B 289 -0.01 -17.89 20.84
CA ALA B 289 0.88 -17.37 21.87
C ALA B 289 0.34 -17.59 23.29
N GLN B 290 -0.97 -17.74 23.46
CA GLN B 290 -1.51 -17.93 24.80
C GLN B 290 -1.12 -19.28 25.42
N LYS B 291 -0.73 -20.27 24.61
CA LYS B 291 -0.27 -21.55 25.12
C LYS B 291 1.26 -21.65 25.12
N LEU B 292 1.94 -20.53 24.87
CA LEU B 292 3.39 -20.47 24.83
C LEU B 292 4.00 -19.53 25.86
N VAL B 293 3.24 -18.54 26.36
CA VAL B 293 3.82 -17.56 27.26
C VAL B 293 4.10 -18.15 28.64
N TRP B 294 3.44 -19.24 29.00
CA TRP B 294 3.61 -19.88 30.31
C TRP B 294 4.45 -21.14 30.25
N GLU B 295 5.33 -21.27 29.27
CA GLU B 295 6.22 -22.43 29.16
C GLU B 295 7.59 -22.12 29.75
N LEU C 32 -29.31 -38.18 17.01
CA LEU C 32 -28.81 -36.89 17.49
C LEU C 32 -28.79 -36.90 19.01
N LYS C 33 -27.64 -36.52 19.55
CA LYS C 33 -27.42 -36.60 21.00
C LYS C 33 -26.87 -35.25 21.44
N PRO C 34 -27.16 -34.80 22.67
CA PRO C 34 -26.60 -33.52 23.09
C PRO C 34 -25.07 -33.49 23.00
N GLY C 35 -24.55 -32.39 22.47
CA GLY C 35 -23.12 -32.22 22.34
C GLY C 35 -22.61 -32.57 20.96
N ALA C 36 -21.31 -32.89 20.91
CA ALA C 36 -20.71 -33.29 19.65
C ALA C 36 -20.93 -34.77 19.42
N GLY C 37 -21.18 -35.11 18.17
CA GLY C 37 -21.49 -36.49 17.86
C GLY C 37 -21.37 -36.76 16.38
N SER C 38 -21.89 -37.92 16.01
CA SER C 38 -21.79 -38.52 14.69
C SER C 38 -23.01 -39.37 14.40
N PHE C 39 -23.48 -39.35 13.15
CA PHE C 39 -24.50 -40.32 12.71
C PHE C 39 -24.33 -40.66 11.24
N LEU C 40 -24.86 -41.82 10.83
CA LEU C 40 -24.78 -42.27 9.45
C LEU C 40 -26.09 -41.95 8.73
N PHE C 41 -26.00 -41.22 7.63
CA PHE C 41 -27.15 -40.76 6.86
C PHE C 41 -27.26 -41.60 5.60
N THR C 42 -28.41 -42.25 5.43
CA THR C 42 -28.68 -43.10 4.29
C THR C 42 -29.92 -42.68 3.51
N GLY C 43 -30.59 -41.61 3.95
CA GLY C 43 -31.83 -41.17 3.34
C GLY C 43 -31.64 -40.37 2.06
N TRP C 44 -30.75 -40.85 1.19
CA TRP C 44 -30.58 -40.24 -0.12
C TRP C 44 -30.08 -41.30 -1.09
N ALA C 45 -30.01 -40.93 -2.37
CA ALA C 45 -29.69 -41.89 -3.41
C ALA C 45 -28.19 -42.15 -3.55
N GLY C 46 -27.35 -41.39 -2.84
CA GLY C 46 -25.92 -41.58 -2.90
C GLY C 46 -25.40 -42.54 -1.84
N LYS C 47 -24.08 -42.54 -1.70
CA LYS C 47 -23.43 -43.40 -0.73
C LYS C 47 -23.74 -42.91 0.69
N PRO C 48 -23.79 -43.82 1.67
CA PRO C 48 -24.01 -43.40 3.06
C PRO C 48 -22.97 -42.37 3.49
N LEU C 49 -23.43 -41.32 4.17
CA LEU C 49 -22.58 -40.21 4.56
C LEU C 49 -22.52 -40.13 6.07
N LYS C 50 -21.31 -40.11 6.62
CA LYS C 50 -21.16 -39.93 8.05
C LYS C 50 -21.18 -38.44 8.33
N VAL C 51 -22.11 -38.00 9.16
CA VAL C 51 -22.31 -36.59 9.44
C VAL C 51 -21.89 -36.33 10.88
N HIS C 52 -20.88 -35.48 11.04
CA HIS C 52 -20.44 -35.02 12.35
C HIS C 52 -21.26 -33.81 12.73
N TYR C 53 -21.87 -33.85 13.90
CA TYR C 53 -22.81 -32.83 14.30
C TYR C 53 -22.45 -32.27 15.67
N TYR C 54 -23.01 -31.10 15.93
CA TYR C 54 -23.11 -30.58 17.28
C TYR C 54 -24.57 -30.26 17.53
N ALA C 55 -25.08 -30.69 18.68
CA ALA C 55 -26.43 -30.38 19.08
C ALA C 55 -26.44 -29.62 20.39
N PRO C 56 -27.27 -28.59 20.51
CA PRO C 56 -27.42 -27.92 21.80
C PRO C 56 -28.06 -28.85 22.81
N ASP C 57 -27.98 -28.47 24.09
CA ASP C 57 -28.45 -29.38 25.12
C ASP C 57 -29.98 -29.53 25.12
N LYS C 58 -30.74 -28.49 24.79
CA LYS C 58 -32.17 -28.64 24.67
C LYS C 58 -32.62 -28.22 23.29
N ILE C 59 -33.34 -29.09 22.61
CA ILE C 59 -33.84 -28.86 21.25
C ILE C 59 -35.21 -28.22 21.35
N THR C 60 -35.38 -27.09 20.67
CA THR C 60 -36.70 -26.47 20.53
C THR C 60 -37.11 -26.55 19.06
N GLU C 61 -38.31 -26.05 18.76
CA GLU C 61 -38.80 -26.05 17.39
C GLU C 61 -38.20 -24.93 16.55
N THR C 62 -37.57 -23.95 17.18
CA THR C 62 -36.93 -22.85 16.49
C THR C 62 -35.42 -22.94 16.53
N THR C 63 -34.85 -24.07 16.95
CA THR C 63 -33.41 -24.24 16.89
C THR C 63 -32.99 -24.23 15.43
N ARG C 64 -32.10 -23.32 15.07
CA ARG C 64 -31.69 -23.24 13.69
C ARG C 64 -30.78 -24.41 13.36
N ILE C 65 -30.54 -24.59 12.06
CA ILE C 65 -29.73 -25.69 11.58
C ILE C 65 -28.74 -25.10 10.58
N LEU C 66 -27.46 -25.37 10.79
CA LEU C 66 -26.40 -24.81 9.95
C LEU C 66 -25.58 -25.95 9.37
N PHE C 67 -25.52 -25.98 8.04
CA PHE C 67 -24.64 -26.91 7.34
C PHE C 67 -23.27 -26.27 7.16
N VAL C 68 -22.24 -26.97 7.60
CA VAL C 68 -20.85 -26.53 7.45
C VAL C 68 -20.17 -27.54 6.54
N ILE C 69 -19.61 -27.06 5.43
CA ILE C 69 -19.07 -27.89 4.36
C ILE C 69 -17.55 -27.80 4.41
N HIS C 70 -16.88 -28.94 4.61
CA HIS C 70 -15.44 -28.98 4.77
C HIS C 70 -14.74 -28.83 3.42
N GLY C 71 -13.42 -28.64 3.48
CA GLY C 71 -12.60 -28.42 2.30
C GLY C 71 -12.07 -29.68 1.66
N ALA C 72 -11.00 -29.50 0.87
CA ALA C 72 -10.41 -30.63 0.16
C ALA C 72 -9.71 -31.57 1.13
N GLY C 73 -9.19 -31.02 2.22
CA GLY C 73 -8.74 -31.85 3.32
C GLY C 73 -10.04 -32.15 4.04
N ARG C 74 -10.63 -33.30 3.73
CA ARG C 74 -11.93 -33.71 4.24
C ARG C 74 -12.03 -33.87 5.75
N ASN C 75 -11.48 -32.95 6.53
CA ASN C 75 -11.53 -33.06 7.99
C ASN C 75 -12.88 -32.52 8.49
N ALA C 76 -13.89 -33.40 8.44
CA ALA C 76 -15.24 -33.01 8.83
C ALA C 76 -15.33 -32.74 10.33
N ASP C 77 -14.74 -33.62 11.16
CA ASP C 77 -14.82 -33.42 12.60
C ASP C 77 -14.16 -32.13 13.03
N GLY C 78 -13.04 -31.74 12.39
CA GLY C 78 -12.41 -30.48 12.71
C GLY C 78 -13.27 -29.29 12.30
N TYR C 79 -13.96 -29.41 11.17
CA TYR C 79 -14.84 -28.33 10.74
C TYR C 79 -16.02 -28.16 11.70
N ARG C 80 -16.55 -29.28 12.22
CA ARG C 80 -17.61 -29.17 13.23
C ARG C 80 -17.06 -28.59 14.52
N ASP C 81 -15.86 -29.01 14.93
CA ASP C 81 -15.25 -28.49 16.14
C ASP C 81 -15.06 -26.98 16.07
N ALA C 82 -14.65 -26.48 14.89
CA ALA C 82 -14.39 -25.06 14.76
C ALA C 82 -15.64 -24.23 15.03
N TRP C 83 -16.83 -24.80 14.77
CA TRP C 83 -18.08 -24.07 14.95
C TRP C 83 -18.75 -24.38 16.27
N ILE C 84 -18.30 -25.42 16.98
CA ILE C 84 -18.89 -25.74 18.28
C ILE C 84 -19.11 -24.53 19.19
N PRO C 85 -18.12 -23.64 19.41
CA PRO C 85 -18.38 -22.50 20.31
C PRO C 85 -19.49 -21.57 19.83
N TYR C 86 -19.54 -21.27 18.53
CA TYR C 86 -20.56 -20.36 18.03
C TYR C 86 -21.93 -21.02 18.01
N ALA C 87 -21.98 -22.32 17.73
CA ALA C 87 -23.23 -23.04 17.79
C ALA C 87 -23.74 -23.17 19.21
N LYS C 88 -22.84 -23.22 20.20
CA LYS C 88 -23.28 -23.19 21.59
C LYS C 88 -23.70 -21.80 22.02
N GLU C 89 -23.12 -20.75 21.45
CA GLU C 89 -23.59 -19.44 21.87
C GLU C 89 -24.91 -19.07 21.20
N GLY C 90 -25.22 -19.60 20.02
CA GLY C 90 -26.53 -19.34 19.43
C GLY C 90 -27.52 -20.48 19.59
N GLN C 91 -26.97 -21.59 20.07
CA GLN C 91 -27.70 -22.80 20.42
C GLN C 91 -28.56 -23.32 19.27
N TYR C 92 -27.79 -23.65 18.24
CA TYR C 92 -28.28 -24.24 17.01
C TYR C 92 -27.45 -25.46 16.68
N ILE C 93 -28.00 -26.29 15.82
CA ILE C 93 -27.36 -27.54 15.44
C ILE C 93 -26.42 -27.29 14.27
N VAL C 94 -25.28 -27.97 14.30
CA VAL C 94 -24.28 -27.92 13.24
C VAL C 94 -24.20 -29.29 12.61
N LEU C 95 -24.26 -29.33 11.28
CA LEU C 95 -24.18 -30.57 10.52
C LEU C 95 -23.03 -30.46 9.52
N THR C 96 -22.07 -31.37 9.60
CA THR C 96 -20.94 -31.43 8.69
C THR C 96 -20.89 -32.81 8.05
N PRO C 97 -21.34 -32.96 6.82
CA PRO C 97 -21.21 -34.26 6.15
C PRO C 97 -19.75 -34.51 5.76
N GLU C 98 -19.31 -35.76 5.95
CA GLU C 98 -17.93 -36.14 5.65
C GLU C 98 -17.92 -36.83 4.30
N TYR C 99 -17.52 -36.09 3.27
CA TYR C 99 -17.33 -36.68 1.95
C TYR C 99 -15.91 -37.25 1.92
N SER C 100 -15.80 -38.46 2.46
CA SER C 100 -14.50 -39.11 2.63
C SER C 100 -13.77 -39.25 1.30
N MET C 101 -12.44 -39.40 1.40
CA MET C 101 -11.66 -39.70 0.21
C MET C 101 -11.97 -41.10 -0.31
N ALA C 102 -12.37 -42.01 0.57
CA ALA C 102 -12.65 -43.38 0.14
C ALA C 102 -13.90 -43.45 -0.72
N ASP C 103 -14.97 -42.79 -0.30
CA ASP C 103 -16.23 -42.82 -1.03
C ASP C 103 -16.34 -41.74 -2.09
N PHE C 104 -15.51 -40.69 -2.00
CA PHE C 104 -15.54 -39.58 -2.93
C PHE C 104 -14.10 -39.26 -3.36
N PRO C 105 -13.54 -40.08 -4.25
CA PRO C 105 -12.09 -39.97 -4.53
C PRO C 105 -11.67 -38.67 -5.18
N THR C 106 -12.48 -38.09 -6.07
CA THR C 106 -12.05 -36.93 -6.82
C THR C 106 -12.88 -35.71 -6.47
N SER C 107 -12.38 -34.54 -6.87
CA SER C 107 -13.15 -33.30 -6.73
C SER C 107 -14.46 -33.38 -7.49
N LEU C 108 -14.44 -33.99 -8.68
CA LEU C 108 -15.66 -34.15 -9.46
C LEU C 108 -16.73 -34.87 -8.64
N THR C 109 -16.31 -35.83 -7.81
CA THR C 109 -17.22 -36.57 -6.97
C THR C 109 -17.71 -35.78 -5.76
N TYR C 110 -16.98 -34.73 -5.35
CA TYR C 110 -17.34 -33.98 -4.16
C TYR C 110 -17.72 -32.56 -4.53
N ASN C 111 -16.79 -31.60 -4.54
CA ASN C 111 -17.11 -30.18 -4.58
C ASN C 111 -17.47 -29.68 -5.97
N VAL C 112 -17.23 -30.45 -7.02
CA VAL C 112 -17.72 -30.08 -8.34
C VAL C 112 -19.20 -30.45 -8.48
N GLY C 113 -19.70 -31.34 -7.62
CA GLY C 113 -21.11 -31.67 -7.57
C GLY C 113 -21.47 -33.00 -8.20
N HIS C 114 -20.58 -33.61 -8.97
CA HIS C 114 -20.85 -34.88 -9.63
C HIS C 114 -22.10 -34.81 -10.50
N ILE C 115 -22.27 -33.67 -11.20
CA ILE C 115 -23.42 -33.51 -12.06
C ILE C 115 -23.22 -34.20 -13.40
N VAL C 116 -21.98 -34.57 -13.74
CA VAL C 116 -21.66 -35.31 -14.95
C VAL C 116 -20.75 -36.47 -14.56
N ASP C 117 -20.69 -37.48 -15.43
CA ASP C 117 -19.85 -38.64 -15.23
C ASP C 117 -18.42 -38.41 -15.75
N GLU C 118 -17.61 -39.47 -15.75
CA GLU C 118 -16.23 -39.39 -16.23
C GLU C 118 -16.18 -38.86 -17.65
N ALA C 119 -17.21 -39.12 -18.44
CA ALA C 119 -17.24 -38.76 -19.85
C ALA C 119 -17.98 -37.46 -20.13
N GLY C 120 -18.65 -36.88 -19.15
CA GLY C 120 -19.39 -35.65 -19.34
C GLY C 120 -20.87 -35.82 -19.57
N ASN C 121 -21.41 -37.02 -19.35
CA ASN C 121 -22.84 -37.25 -19.52
C ASN C 121 -23.58 -36.85 -18.26
N PRO C 122 -24.69 -36.11 -18.40
CA PRO C 122 -25.42 -35.63 -17.22
C PRO C 122 -25.90 -36.76 -16.34
N ARG C 123 -25.81 -36.55 -15.02
CA ARG C 123 -26.28 -37.47 -14.01
C ARG C 123 -27.59 -36.98 -13.39
N PRO C 124 -28.42 -37.91 -12.92
CA PRO C 124 -29.70 -37.52 -12.31
C PRO C 124 -29.48 -36.66 -11.06
N ARG C 125 -30.37 -35.70 -10.88
CA ARG C 125 -30.19 -34.71 -9.81
C ARG C 125 -30.11 -35.35 -8.43
N GLU C 126 -30.85 -36.43 -8.22
CA GLU C 126 -30.81 -37.08 -6.91
C GLU C 126 -29.49 -37.78 -6.64
N GLU C 127 -28.65 -37.97 -7.65
CA GLU C 127 -27.35 -38.61 -7.48
C GLU C 127 -26.20 -37.63 -7.32
N TRP C 128 -26.44 -36.33 -7.45
CA TRP C 128 -25.38 -35.35 -7.21
C TRP C 128 -24.91 -35.40 -5.77
N SER C 129 -23.66 -35.00 -5.55
CA SER C 129 -23.17 -34.84 -4.19
C SER C 129 -23.95 -33.76 -3.46
N PHE C 130 -24.53 -32.80 -4.20
CA PHE C 130 -25.35 -31.75 -3.58
C PHE C 130 -26.67 -32.32 -3.05
N ALA C 131 -27.13 -33.42 -3.64
CA ALA C 131 -28.46 -33.93 -3.37
C ALA C 131 -28.64 -34.43 -1.95
N SER C 132 -27.58 -34.39 -1.13
CA SER C 132 -27.70 -34.81 0.25
C SER C 132 -28.19 -33.71 1.15
N ILE C 133 -28.02 -32.44 0.76
CA ILE C 133 -28.31 -31.35 1.68
C ILE C 133 -29.80 -31.31 2.02
N GLU C 134 -30.66 -31.26 1.00
CA GLU C 134 -32.10 -31.08 1.26
C GLU C 134 -32.73 -32.23 2.03
N PRO C 135 -32.56 -33.51 1.63
CA PRO C 135 -33.19 -34.58 2.43
C PRO C 135 -32.65 -34.67 3.85
N MET C 136 -31.33 -34.52 4.02
CA MET C 136 -30.76 -34.53 5.36
C MET C 136 -31.41 -33.48 6.23
N PHE C 137 -31.57 -32.27 5.69
CA PHE C 137 -32.24 -31.20 6.42
C PHE C 137 -33.60 -31.65 6.93
N ASP C 138 -34.34 -32.41 6.12
CA ASP C 138 -35.61 -32.93 6.59
C ASP C 138 -35.42 -33.92 7.73
N GLN C 139 -34.58 -34.94 7.50
CA GLN C 139 -34.46 -36.03 8.45
C GLN C 139 -34.08 -35.53 9.84
N VAL C 140 -33.08 -34.63 9.90
CA VAL C 140 -32.63 -34.12 11.19
C VAL C 140 -33.77 -33.42 11.92
N ARG C 141 -34.54 -32.60 11.20
CA ARG C 141 -35.69 -31.97 11.85
C ARG C 141 -36.63 -33.02 12.42
N LYS C 142 -36.93 -34.04 11.61
CA LYS C 142 -37.85 -35.08 12.06
C LYS C 142 -37.26 -35.86 13.22
N ALA C 143 -35.93 -35.92 13.30
CA ALA C 143 -35.27 -36.64 14.37
C ALA C 143 -35.04 -35.75 15.59
N THR C 144 -35.14 -34.43 15.43
CA THR C 144 -34.88 -33.50 16.53
C THR C 144 -36.14 -32.84 17.07
N GLY C 145 -37.16 -32.67 16.25
CA GLY C 145 -38.33 -31.92 16.64
C GLY C 145 -38.30 -30.48 16.19
N SER C 146 -37.19 -30.03 15.61
CA SER C 146 -37.10 -28.67 15.13
C SER C 146 -38.03 -28.47 13.95
N LYS C 147 -38.65 -27.29 13.88
CA LYS C 147 -39.62 -26.98 12.84
C LYS C 147 -39.22 -25.74 12.04
N VAL C 148 -37.95 -25.40 12.01
CA VAL C 148 -37.50 -24.20 11.28
C VAL C 148 -37.69 -24.43 9.79
N PRO C 149 -38.23 -23.46 9.04
CA PRO C 149 -38.46 -23.69 7.61
C PRO C 149 -37.19 -23.68 6.77
N THR C 150 -36.11 -23.08 7.27
CA THR C 150 -34.89 -22.94 6.50
C THR C 150 -33.69 -23.39 7.32
N TYR C 151 -32.56 -23.53 6.63
CA TYR C 151 -31.26 -23.75 7.24
C TYR C 151 -30.29 -22.73 6.67
N ALA C 152 -29.16 -22.54 7.35
CA ALA C 152 -28.05 -21.80 6.77
C ALA C 152 -26.95 -22.77 6.38
N ILE C 153 -26.11 -22.36 5.43
CA ILE C 153 -25.06 -23.23 4.92
C ILE C 153 -23.78 -22.41 4.72
N TYR C 154 -22.65 -22.98 5.16
CA TYR C 154 -21.35 -22.33 5.08
C TYR C 154 -20.32 -23.33 4.55
N GLY C 155 -19.38 -22.83 3.75
CA GLY C 155 -18.31 -23.66 3.24
C GLY C 155 -17.03 -22.87 3.07
N HIS C 156 -15.90 -23.55 3.21
CA HIS C 156 -14.59 -22.93 3.06
C HIS C 156 -13.77 -23.67 2.01
N SER C 157 -13.05 -22.91 1.19
CA SER C 157 -12.16 -23.42 0.15
C SER C 157 -12.95 -24.33 -0.78
N ALA C 158 -12.64 -25.62 -0.88
CA ALA C 158 -13.46 -26.51 -1.70
C ALA C 158 -14.88 -26.58 -1.18
N GLY C 159 -15.08 -26.37 0.13
CA GLY C 159 -16.43 -26.24 0.65
C GLY C 159 -17.13 -24.99 0.15
N GLY C 160 -16.37 -23.90 -0.04
CA GLY C 160 -16.95 -22.71 -0.62
C GLY C 160 -17.35 -22.90 -2.07
N GLN C 161 -16.54 -23.64 -2.82
CA GLN C 161 -16.92 -24.02 -4.18
C GLN C 161 -18.18 -24.86 -4.16
N PHE C 162 -18.23 -25.85 -3.27
CA PHE C 162 -19.43 -26.67 -3.10
C PHE C 162 -20.65 -25.80 -2.84
N VAL C 163 -20.52 -24.81 -1.95
CA VAL C 163 -21.69 -24.07 -1.52
C VAL C 163 -22.16 -23.11 -2.61
N HIS C 164 -21.24 -22.41 -3.28
CA HIS C 164 -21.71 -21.48 -4.29
C HIS C 164 -22.20 -22.22 -5.55
N ARG C 165 -21.65 -23.39 -5.83
CA ARG C 165 -22.21 -24.19 -6.91
C ARG C 165 -23.57 -24.77 -6.52
N PHE C 166 -23.75 -25.12 -5.24
CA PHE C 166 -25.04 -25.55 -4.75
C PHE C 166 -26.08 -24.43 -4.90
N VAL C 167 -25.65 -23.20 -4.65
CA VAL C 167 -26.53 -22.06 -4.86
C VAL C 167 -26.88 -21.92 -6.33
N GLU C 168 -25.91 -22.15 -7.21
CA GLU C 168 -26.17 -21.96 -8.64
C GLU C 168 -27.04 -23.07 -9.22
N LEU C 169 -26.93 -24.30 -8.70
CA LEU C 169 -27.50 -25.46 -9.38
C LEU C 169 -28.64 -26.14 -8.62
N TRP C 170 -29.01 -25.65 -7.44
CA TRP C 170 -30.13 -26.20 -6.66
C TRP C 170 -31.07 -25.04 -6.34
N PRO C 171 -31.85 -24.58 -7.33
CA PRO C 171 -32.64 -23.34 -7.16
C PRO C 171 -33.74 -23.49 -6.12
N ASP C 172 -34.29 -24.67 -5.94
CA ASP C 172 -35.30 -24.98 -4.94
C ASP C 172 -34.80 -25.15 -3.51
N ALA C 173 -33.49 -25.08 -3.27
CA ALA C 173 -32.96 -25.28 -1.92
C ALA C 173 -33.59 -24.28 -0.92
N ARG C 174 -33.67 -24.71 0.33
CA ARG C 174 -34.33 -23.93 1.38
C ARG C 174 -33.36 -23.29 2.36
N TYR C 175 -32.29 -22.66 1.86
CA TYR C 175 -31.36 -21.93 2.72
C TYR C 175 -31.78 -20.48 2.89
N SER C 176 -31.68 -19.98 4.12
CA SER C 176 -31.87 -18.57 4.39
C SER C 176 -30.64 -17.76 4.01
N ARG C 177 -29.47 -18.37 4.05
CA ARG C 177 -28.23 -17.69 3.71
C ARG C 177 -27.17 -18.73 3.42
N ALA C 178 -26.40 -18.50 2.36
CA ALA C 178 -25.25 -19.33 2.02
C ALA C 178 -24.01 -18.47 2.11
N VAL C 179 -22.96 -18.98 2.75
CA VAL C 179 -21.71 -18.25 2.91
C VAL C 179 -20.59 -19.07 2.31
N ALA C 180 -19.96 -18.54 1.26
CA ALA C 180 -18.85 -19.19 0.58
C ALA C 180 -17.57 -18.43 0.91
N ALA C 181 -16.64 -19.09 1.60
CA ALA C 181 -15.44 -18.45 2.12
C ALA C 181 -14.20 -19.00 1.40
N ASN C 182 -13.43 -18.11 0.78
CA ASN C 182 -12.11 -18.42 0.23
C ASN C 182 -12.14 -19.60 -0.73
N ALA C 183 -13.12 -19.62 -1.64
CA ALA C 183 -13.10 -20.60 -2.69
C ALA C 183 -11.84 -20.43 -3.55
N GLY C 184 -11.27 -21.55 -3.98
CA GLY C 184 -10.04 -21.48 -4.75
C GLY C 184 -10.26 -20.88 -6.12
N TRP C 185 -11.39 -21.23 -6.76
CA TRP C 185 -11.87 -20.60 -7.97
C TRP C 185 -13.36 -20.87 -8.05
N TYR C 186 -14.03 -20.23 -9.00
CA TYR C 186 -15.49 -20.21 -8.98
C TYR C 186 -16.08 -20.79 -10.25
N THR C 187 -17.28 -21.32 -10.13
CA THR C 187 -18.13 -21.55 -11.29
C THR C 187 -18.79 -20.20 -11.59
N MET C 188 -18.34 -19.59 -12.61
CA MET C 188 -18.60 -18.19 -12.90
C MET C 188 -19.99 -18.01 -13.49
N PRO C 189 -20.71 -16.92 -13.14
CA PRO C 189 -22.10 -16.77 -13.64
C PRO C 189 -22.16 -16.39 -15.11
N ASP C 190 -21.66 -17.28 -15.97
CA ASP C 190 -21.60 -17.03 -17.40
C ASP C 190 -22.16 -18.24 -18.13
N LEU C 191 -23.24 -18.03 -18.88
CA LEU C 191 -23.88 -19.12 -19.62
C LEU C 191 -23.13 -19.49 -20.89
N ALA C 192 -22.04 -18.79 -21.20
CA ALA C 192 -21.23 -19.08 -22.37
C ALA C 192 -19.93 -19.79 -22.03
N ILE C 193 -19.58 -19.93 -20.75
CA ILE C 193 -18.37 -20.61 -20.32
C ILE C 193 -18.76 -21.99 -19.78
N LYS C 194 -17.98 -23.00 -20.15
CA LYS C 194 -18.35 -24.38 -19.85
C LYS C 194 -18.08 -24.72 -18.40
N TYR C 195 -18.97 -25.53 -17.82
CA TYR C 195 -18.80 -25.99 -16.46
C TYR C 195 -17.51 -26.79 -16.33
N PRO C 196 -16.74 -26.64 -15.23
CA PRO C 196 -17.11 -25.94 -14.00
C PRO C 196 -16.61 -24.51 -13.91
N TYR C 197 -16.07 -23.97 -15.00
CA TYR C 197 -15.64 -22.58 -15.00
C TYR C 197 -16.76 -21.62 -15.34
N GLY C 198 -17.91 -22.15 -15.74
CA GLY C 198 -19.08 -21.35 -16.04
C GLY C 198 -20.32 -22.21 -15.94
N LEU C 199 -21.44 -21.66 -16.40
CA LEU C 199 -22.72 -22.34 -16.24
C LEU C 199 -23.24 -22.97 -17.53
N LYS C 200 -22.46 -22.95 -18.59
CA LYS C 200 -22.82 -23.64 -19.83
C LYS C 200 -22.68 -25.15 -19.66
N ASP C 201 -23.59 -25.89 -20.29
CA ASP C 201 -23.67 -27.35 -20.20
C ASP C 201 -23.95 -27.81 -18.77
N ALA C 202 -24.58 -26.95 -17.99
CA ALA C 202 -25.06 -27.23 -16.65
C ALA C 202 -26.57 -27.08 -16.62
N PRO C 203 -27.27 -27.85 -15.79
CA PRO C 203 -28.73 -27.80 -15.80
C PRO C 203 -29.31 -26.47 -15.33
N THR C 204 -29.06 -25.41 -16.08
CA THR C 204 -29.61 -24.09 -15.77
C THR C 204 -29.73 -23.29 -17.05
N ASP C 205 -30.51 -22.20 -16.97
CA ASP C 205 -30.78 -21.35 -18.13
C ASP C 205 -30.68 -19.90 -17.68
N ALA C 206 -31.12 -18.99 -18.56
CA ALA C 206 -31.03 -17.56 -18.28
C ALA C 206 -31.96 -17.17 -17.13
N ALA C 207 -33.18 -17.70 -17.13
CA ALA C 207 -34.10 -17.40 -16.03
C ALA C 207 -33.58 -17.98 -14.73
N GLY C 208 -33.04 -19.19 -14.76
CA GLY C 208 -32.49 -19.78 -13.55
C GLY C 208 -31.29 -19.03 -13.03
N LEU C 209 -30.41 -18.56 -13.93
CA LEU C 209 -29.25 -17.78 -13.48
C LEU C 209 -29.69 -16.43 -12.91
N LYS C 210 -30.70 -15.81 -13.53
CA LYS C 210 -31.27 -14.57 -13.01
C LYS C 210 -31.82 -14.77 -11.61
N ALA C 211 -32.52 -15.88 -11.39
CA ALA C 211 -33.02 -16.18 -10.05
C ALA C 211 -31.88 -16.49 -9.08
N THR C 212 -30.82 -17.12 -9.57
CA THR C 212 -29.65 -17.39 -8.74
C THR C 212 -29.01 -16.08 -8.27
N LEU C 213 -28.89 -15.10 -9.17
CA LEU C 213 -28.30 -13.82 -8.82
C LEU C 213 -29.11 -13.04 -7.80
N GLU C 214 -30.32 -13.49 -7.48
CA GLU C 214 -31.14 -12.85 -6.45
C GLU C 214 -31.19 -13.65 -5.16
N LYS C 215 -30.39 -14.73 -5.06
CA LYS C 215 -30.34 -15.59 -3.89
C LYS C 215 -29.46 -14.95 -2.80
N PRO C 216 -29.69 -15.29 -1.53
CA PRO C 216 -28.89 -14.67 -0.44
C PRO C 216 -27.55 -15.35 -0.25
N LEU C 217 -26.67 -15.19 -1.24
CA LEU C 217 -25.32 -15.72 -1.20
C LEU C 217 -24.36 -14.62 -0.78
N THR C 218 -23.44 -14.96 0.12
CA THR C 218 -22.44 -14.04 0.62
C THR C 218 -21.06 -14.62 0.37
N ILE C 219 -20.24 -13.86 -0.35
CA ILE C 219 -18.85 -14.22 -0.63
C ILE C 219 -17.98 -13.59 0.46
N LEU C 220 -17.35 -14.43 1.28
CA LEU C 220 -16.51 -13.98 2.39
C LEU C 220 -15.06 -14.30 2.06
N LEU C 221 -14.20 -13.28 2.07
CA LEU C 221 -12.81 -13.43 1.63
C LEU C 221 -11.84 -12.93 2.70
N GLY C 222 -10.79 -13.72 2.93
CA GLY C 222 -9.70 -13.26 3.79
C GLY C 222 -8.76 -12.36 3.02
N THR C 223 -8.48 -11.18 3.59
CA THR C 223 -7.63 -10.21 2.91
C THR C 223 -6.18 -10.65 2.81
N ALA C 224 -5.78 -11.69 3.55
CA ALA C 224 -4.43 -12.22 3.48
C ALA C 224 -4.36 -13.54 2.74
N ASP C 225 -5.47 -14.00 2.15
CA ASP C 225 -5.46 -15.20 1.31
C ASP C 225 -4.95 -14.80 -0.09
N THR C 226 -3.67 -14.42 -0.13
CA THR C 226 -3.08 -13.76 -1.29
C THR C 226 -1.83 -14.46 -1.83
N ASP C 227 -1.55 -15.69 -1.39
CA ASP C 227 -0.37 -16.41 -1.85
C ASP C 227 -0.68 -17.02 -3.21
N VAL C 228 -0.05 -16.48 -4.26
CA VAL C 228 -0.26 -16.98 -5.61
C VAL C 228 0.43 -18.32 -5.85
N ASN C 229 1.23 -18.79 -4.89
CA ASN C 229 1.91 -20.07 -5.00
C ASN C 229 1.42 -21.07 -3.96
N HIS C 230 0.26 -20.81 -3.35
CA HIS C 230 -0.34 -21.73 -2.38
C HIS C 230 -0.53 -23.12 -2.99
N HIS C 231 -0.24 -24.15 -2.19
CA HIS C 231 -0.14 -25.50 -2.74
C HIS C 231 -1.49 -26.08 -3.13
N GLN C 232 -2.59 -25.48 -2.68
CA GLN C 232 -3.93 -25.91 -3.09
C GLN C 232 -4.53 -25.01 -4.16
N LEU C 233 -3.86 -23.93 -4.54
CA LEU C 233 -4.43 -22.96 -5.47
C LEU C 233 -4.34 -23.49 -6.89
N SER C 234 -5.48 -23.69 -7.53
CA SER C 234 -5.48 -24.08 -8.94
C SER C 234 -4.87 -22.97 -9.80
N ARG C 235 -4.06 -23.39 -10.77
CA ARG C 235 -3.40 -22.45 -11.68
C ARG C 235 -3.65 -22.83 -13.13
N THR C 236 -4.80 -23.41 -13.41
CA THR C 236 -5.22 -23.61 -14.79
C THR C 236 -5.45 -22.25 -15.45
N PRO C 237 -5.24 -22.16 -16.77
CA PRO C 237 -5.52 -20.89 -17.46
C PRO C 237 -6.94 -20.38 -17.22
N GLU C 238 -7.91 -21.30 -17.20
CA GLU C 238 -9.29 -20.92 -16.93
C GLU C 238 -9.43 -20.32 -15.53
N ALA C 239 -8.69 -20.87 -14.56
CA ALA C 239 -8.72 -20.28 -13.23
C ALA C 239 -7.96 -18.97 -13.19
N MET C 240 -6.89 -18.84 -13.99
CA MET C 240 -6.12 -17.60 -13.99
C MET C 240 -6.89 -16.44 -14.60
N THR C 241 -7.87 -16.71 -15.47
CA THR C 241 -8.72 -15.61 -15.95
C THR C 241 -9.46 -14.91 -14.82
N GLN C 242 -9.66 -15.59 -13.69
CA GLN C 242 -10.39 -15.01 -12.56
C GLN C 242 -9.49 -14.23 -11.60
N GLY C 243 -8.17 -14.37 -11.70
CA GLY C 243 -7.27 -13.68 -10.79
C GLY C 243 -6.08 -14.51 -10.36
N VAL C 244 -5.12 -13.89 -9.65
CA VAL C 244 -3.89 -14.60 -9.29
C VAL C 244 -3.97 -15.29 -7.92
N HIS C 245 -4.88 -14.86 -7.05
CA HIS C 245 -5.06 -15.52 -5.77
C HIS C 245 -6.54 -15.45 -5.38
N ARG C 246 -6.88 -16.14 -4.29
CA ARG C 246 -8.28 -16.37 -3.97
C ARG C 246 -9.02 -15.07 -3.66
N LEU C 247 -8.34 -14.11 -3.06
CA LEU C 247 -8.98 -12.84 -2.75
C LEU C 247 -9.42 -12.14 -4.04
N ALA C 248 -8.49 -12.03 -5.00
CA ALA C 248 -8.79 -11.41 -6.28
C ALA C 248 -9.90 -12.15 -7.01
N ARG C 249 -9.86 -13.48 -6.99
CA ARG C 249 -10.87 -14.27 -7.69
C ARG C 249 -12.24 -14.08 -7.06
N GLY C 250 -12.32 -14.01 -5.74
CA GLY C 250 -13.60 -13.79 -5.08
C GLY C 250 -14.19 -12.43 -5.42
N GLU C 251 -13.36 -11.38 -5.38
CA GLU C 251 -13.85 -10.06 -5.77
C GLU C 251 -14.32 -10.06 -7.23
N PHE C 252 -13.57 -10.75 -8.10
CA PHE C 252 -13.92 -10.77 -9.52
C PHE C 252 -15.21 -11.55 -9.75
N PHE C 253 -15.43 -12.61 -8.97
CA PHE C 253 -16.67 -13.36 -9.10
C PHE C 253 -17.86 -12.50 -8.67
N TYR C 254 -17.69 -11.74 -7.59
CA TYR C 254 -18.75 -10.84 -7.17
C TYR C 254 -19.06 -9.80 -8.24
N ALA C 255 -18.02 -9.20 -8.82
CA ALA C 255 -18.23 -8.19 -9.85
C ALA C 255 -18.86 -8.77 -11.11
N TYR C 256 -18.47 -10.00 -11.47
CA TYR C 256 -19.06 -10.68 -12.61
C TYR C 256 -20.54 -10.96 -12.37
N GLY C 257 -20.88 -11.32 -11.13
CA GLY C 257 -22.28 -11.51 -10.79
C GLY C 257 -23.09 -10.22 -10.91
N ARG C 258 -22.51 -9.11 -10.47
CA ARG C 258 -23.21 -7.83 -10.61
C ARG C 258 -23.40 -7.46 -12.08
N LYS C 259 -22.37 -7.70 -12.89
CA LYS C 259 -22.47 -7.41 -14.32
C LYS C 259 -23.57 -8.23 -14.99
N VAL C 260 -23.57 -9.55 -14.75
CA VAL C 260 -24.59 -10.39 -15.39
C VAL C 260 -25.97 -10.10 -14.82
N ALA C 261 -26.06 -9.65 -13.56
CA ALA C 261 -27.36 -9.27 -13.01
C ALA C 261 -27.91 -8.05 -13.74
N HIS C 262 -27.03 -7.11 -14.11
CA HIS C 262 -27.48 -6.04 -15.00
C HIS C 262 -27.94 -6.60 -16.33
N GLU C 263 -27.17 -7.54 -16.89
CA GLU C 263 -27.54 -8.10 -18.19
C GLU C 263 -28.88 -8.82 -18.14
N LEU C 264 -29.19 -9.50 -17.04
CA LEU C 264 -30.42 -10.28 -16.92
C LEU C 264 -31.51 -9.54 -16.14
N ASN C 265 -31.28 -8.28 -15.79
CA ASN C 265 -32.24 -7.47 -15.04
C ASN C 265 -32.61 -8.12 -13.71
N ALA C 266 -31.63 -8.73 -13.06
CA ALA C 266 -31.84 -9.32 -11.75
C ALA C 266 -31.65 -8.26 -10.68
N LYS C 267 -32.41 -8.37 -9.59
CA LYS C 267 -32.22 -7.51 -8.43
C LYS C 267 -31.10 -8.12 -7.59
N PHE C 268 -29.87 -7.70 -7.89
CA PHE C 268 -28.65 -8.29 -7.32
C PHE C 268 -28.68 -8.34 -5.81
N ALA C 269 -28.61 -9.56 -5.27
CA ALA C 269 -28.73 -9.79 -3.82
C ALA C 269 -27.46 -10.33 -3.18
N TRP C 270 -26.42 -10.63 -3.96
CA TRP C 270 -25.18 -11.12 -3.37
C TRP C 270 -24.53 -10.05 -2.48
N LYS C 271 -23.73 -10.52 -1.54
CA LYS C 271 -23.00 -9.65 -0.63
C LYS C 271 -21.52 -10.02 -0.65
N LEU C 272 -20.68 -9.02 -0.45
CA LEU C 272 -19.23 -9.16 -0.47
C LEU C 272 -18.69 -8.71 0.88
N ASP C 273 -18.04 -9.62 1.60
CA ASP C 273 -17.53 -9.35 2.94
C ASP C 273 -16.07 -9.76 3.05
N TYR C 274 -15.37 -9.14 3.99
CA TYR C 274 -13.93 -9.36 4.14
C TYR C 274 -13.61 -9.84 5.55
N ALA C 275 -12.64 -10.73 5.65
CA ALA C 275 -12.06 -11.08 6.95
C ALA C 275 -10.64 -10.53 6.98
N PRO C 276 -10.41 -9.39 7.61
CA PRO C 276 -9.10 -8.73 7.53
C PRO C 276 -7.98 -9.60 8.12
N ASP C 277 -6.92 -9.77 7.32
CA ASP C 277 -5.68 -10.43 7.74
C ASP C 277 -5.88 -11.90 8.07
N ILE C 278 -6.89 -12.52 7.48
CA ILE C 278 -7.07 -13.97 7.56
C ILE C 278 -6.61 -14.54 6.24
N ALA C 279 -5.98 -15.73 6.30
CA ALA C 279 -5.54 -16.43 5.11
C ALA C 279 -6.41 -17.67 4.90
N HIS C 280 -5.82 -18.72 4.35
CA HIS C 280 -6.57 -19.93 4.02
C HIS C 280 -6.74 -20.80 5.27
N SER C 281 -7.55 -20.29 6.19
CA SER C 281 -7.77 -20.90 7.49
C SER C 281 -9.27 -20.95 7.77
N ASN C 282 -9.80 -22.16 7.93
CA ASN C 282 -11.23 -22.27 8.20
C ASN C 282 -11.60 -21.69 9.56
N THR C 283 -10.71 -21.77 10.55
CA THR C 283 -11.02 -21.22 11.87
C THR C 283 -11.14 -19.70 11.83
N GLY C 284 -10.15 -19.01 11.28
CA GLY C 284 -10.22 -17.56 11.22
C GLY C 284 -11.37 -17.06 10.36
N MET C 285 -11.65 -17.78 9.26
CA MET C 285 -12.79 -17.40 8.43
C MET C 285 -14.12 -17.68 9.12
N SER C 286 -14.18 -18.76 9.90
CA SER C 286 -15.41 -19.12 10.61
C SER C 286 -15.72 -18.13 11.71
N GLN C 287 -14.69 -17.55 12.32
CA GLN C 287 -14.91 -16.53 13.33
C GLN C 287 -15.69 -15.34 12.78
N TYR C 288 -15.54 -15.04 11.48
CA TYR C 288 -16.32 -14.01 10.83
C TYR C 288 -17.61 -14.52 10.26
N ALA C 289 -17.61 -15.75 9.73
CA ALA C 289 -18.82 -16.31 9.13
C ALA C 289 -19.90 -16.57 10.16
N GLN C 290 -19.55 -16.76 11.43
CA GLN C 290 -20.57 -16.99 12.45
C GLN C 290 -21.45 -15.76 12.66
N LYS C 291 -20.98 -14.60 12.24
CA LYS C 291 -21.71 -13.36 12.36
C LYS C 291 -22.46 -12.99 11.08
N LEU C 292 -22.39 -13.84 10.05
CA LEU C 292 -23.02 -13.57 8.76
C LEU C 292 -24.04 -14.61 8.34
N VAL C 293 -23.97 -15.83 8.87
CA VAL C 293 -24.83 -16.90 8.36
C VAL C 293 -26.30 -16.69 8.76
N TRP C 294 -26.57 -15.89 9.79
CA TRP C 294 -27.93 -15.62 10.21
C TRP C 294 -28.42 -14.25 9.75
N GLU C 295 -27.80 -13.69 8.72
CA GLU C 295 -28.25 -12.43 8.14
C GLU C 295 -29.03 -12.69 6.86
N PRO D 30 -2.11 34.12 -25.57
CA PRO D 30 -2.21 33.62 -24.20
C PRO D 30 -2.83 34.65 -23.26
N ASP D 31 -4.11 34.98 -23.43
CA ASP D 31 -4.76 35.84 -22.44
C ASP D 31 -6.19 35.39 -22.20
N LEU D 32 -6.53 35.33 -20.93
CA LEU D 32 -7.85 34.94 -20.46
C LEU D 32 -8.49 36.15 -19.80
N LYS D 33 -9.67 36.45 -20.17
CA LYS D 33 -10.32 37.60 -19.57
C LYS D 33 -11.31 37.12 -18.52
N PRO D 34 -11.61 37.92 -17.50
CA PRO D 34 -12.61 37.51 -16.52
C PRO D 34 -13.89 37.07 -17.20
N GLY D 35 -14.42 35.94 -16.76
CA GLY D 35 -15.63 35.40 -17.33
C GLY D 35 -15.37 34.31 -18.33
N ALA D 36 -16.36 34.12 -19.21
CA ALA D 36 -16.29 33.13 -20.26
C ALA D 36 -15.59 33.69 -21.47
N GLY D 37 -14.81 32.83 -22.12
CA GLY D 37 -14.06 33.30 -23.23
C GLY D 37 -13.52 32.16 -24.05
N SER D 38 -12.60 32.52 -24.92
CA SER D 38 -12.16 31.75 -26.08
C SER D 38 -10.76 32.16 -26.43
N PHE D 39 -9.85 31.20 -26.66
CA PHE D 39 -8.56 31.53 -27.28
C PHE D 39 -8.02 30.36 -28.12
N LEU D 40 -7.10 30.66 -29.04
CA LEU D 40 -6.55 29.63 -29.92
C LEU D 40 -5.18 29.17 -29.42
N PHE D 41 -5.03 27.86 -29.22
CA PHE D 41 -3.83 27.26 -28.68
C PHE D 41 -3.07 26.57 -29.81
N THR D 42 -1.81 26.97 -30.00
CA THR D 42 -0.96 26.42 -31.04
C THR D 42 0.33 25.81 -30.48
N GLY D 43 0.53 25.84 -29.16
CA GLY D 43 1.76 25.36 -28.57
C GLY D 43 1.87 23.87 -28.43
N TRP D 44 1.49 23.13 -29.47
CA TRP D 44 1.66 21.68 -29.49
C TRP D 44 1.80 21.23 -30.94
N ALA D 45 2.09 19.94 -31.12
CA ALA D 45 2.38 19.41 -32.45
C ALA D 45 1.14 19.10 -33.27
N GLY D 46 -0.04 19.20 -32.69
CA GLY D 46 -1.27 18.95 -33.41
C GLY D 46 -1.81 20.22 -34.03
N LYS D 47 -3.03 20.11 -34.52
CA LYS D 47 -3.63 21.27 -35.16
C LYS D 47 -4.00 22.30 -34.09
N PRO D 48 -4.01 23.60 -34.41
CA PRO D 48 -4.46 24.61 -33.41
C PRO D 48 -5.86 24.33 -32.89
N LEU D 49 -6.04 24.45 -31.57
CA LEU D 49 -7.30 24.08 -30.91
C LEU D 49 -7.94 25.31 -30.27
N LYS D 50 -9.23 25.48 -30.51
CA LYS D 50 -9.97 26.56 -29.85
C LYS D 50 -10.35 26.09 -28.45
N VAL D 51 -9.92 26.84 -27.44
CA VAL D 51 -10.14 26.47 -26.05
C VAL D 51 -11.13 27.48 -25.47
N HIS D 52 -12.28 26.97 -25.05
CA HIS D 52 -13.29 27.76 -24.35
C HIS D 52 -12.99 27.71 -22.86
N TYR D 53 -12.88 28.88 -22.24
CA TYR D 53 -12.45 28.93 -20.85
C TYR D 53 -13.42 29.75 -20.01
N TYR D 54 -13.31 29.54 -18.71
CA TYR D 54 -13.85 30.46 -17.72
C TYR D 54 -12.70 30.83 -16.80
N ALA D 55 -12.56 32.13 -16.56
CA ALA D 55 -11.57 32.64 -15.63
C ALA D 55 -12.26 33.41 -14.52
N PRO D 56 -11.86 33.22 -13.28
CA PRO D 56 -12.43 34.04 -12.21
C PRO D 56 -11.99 35.48 -12.37
N ASP D 57 -12.68 36.35 -11.63
CA ASP D 57 -12.35 37.78 -11.65
C ASP D 57 -10.96 37.98 -11.05
N LYS D 58 -10.59 37.08 -10.14
CA LYS D 58 -9.31 37.05 -9.43
C LYS D 58 -8.44 35.87 -9.80
N ILE D 59 -7.30 36.15 -10.37
CA ILE D 59 -6.32 35.10 -10.59
C ILE D 59 -5.15 35.34 -9.65
N THR D 60 -4.90 34.37 -8.78
CA THR D 60 -3.72 34.34 -7.93
C THR D 60 -2.82 33.18 -8.33
N GLU D 61 -1.71 33.00 -7.63
CA GLU D 61 -0.82 31.89 -7.94
C GLU D 61 -1.34 30.56 -7.41
N THR D 62 -2.40 30.55 -6.59
CA THR D 62 -3.01 29.32 -6.11
C THR D 62 -4.35 29.03 -6.77
N THR D 63 -4.71 29.75 -7.84
CA THR D 63 -5.95 29.49 -8.56
C THR D 63 -5.87 28.12 -9.26
N ARG D 64 -6.84 27.26 -8.97
CA ARG D 64 -6.81 25.92 -9.52
C ARG D 64 -7.19 25.93 -11.00
N ILE D 65 -6.92 24.81 -11.68
CA ILE D 65 -7.15 24.66 -13.11
C ILE D 65 -7.81 23.32 -13.36
N LEU D 66 -8.95 23.33 -14.05
CA LEU D 66 -9.71 22.11 -14.34
C LEU D 66 -9.91 21.96 -15.84
N PHE D 67 -9.49 20.82 -16.37
CA PHE D 67 -9.76 20.46 -17.76
C PHE D 67 -11.12 19.74 -17.84
N VAL D 68 -11.98 20.21 -18.74
CA VAL D 68 -13.28 19.60 -19.00
C VAL D 68 -13.27 19.11 -20.45
N ILE D 69 -13.50 17.82 -20.65
CA ILE D 69 -13.38 17.16 -21.95
C ILE D 69 -14.78 16.81 -22.45
N HIS D 70 -15.17 17.35 -23.60
CA HIS D 70 -16.52 17.19 -24.12
C HIS D 70 -16.72 15.81 -24.73
N GLY D 71 -17.98 15.53 -25.06
CA GLY D 71 -18.37 14.25 -25.63
C GLY D 71 -18.32 14.22 -27.15
N ALA D 72 -19.05 13.27 -27.72
CA ALA D 72 -18.98 13.03 -29.15
C ALA D 72 -19.58 14.16 -29.97
N GLY D 73 -20.55 14.89 -29.43
CA GLY D 73 -21.08 15.99 -30.21
C GLY D 73 -20.25 17.28 -30.22
N ARG D 74 -19.00 17.19 -29.78
CA ARG D 74 -18.04 18.30 -29.83
C ARG D 74 -18.60 19.64 -29.32
N ASN D 75 -19.47 19.60 -28.33
CA ASN D 75 -20.10 20.82 -27.79
C ASN D 75 -19.22 21.38 -26.68
N ALA D 76 -18.15 22.07 -27.09
CA ALA D 76 -17.17 22.54 -26.11
C ALA D 76 -17.70 23.69 -25.27
N ASP D 77 -18.28 24.71 -25.91
CA ASP D 77 -18.75 25.86 -25.15
C ASP D 77 -19.87 25.48 -24.18
N GLY D 78 -20.73 24.54 -24.57
CA GLY D 78 -21.75 24.09 -23.65
C GLY D 78 -21.18 23.35 -22.46
N TYR D 79 -20.10 22.60 -22.68
CA TYR D 79 -19.44 21.93 -21.56
C TYR D 79 -18.80 22.93 -20.61
N ARG D 80 -18.20 24.00 -21.15
CA ARG D 80 -17.64 25.02 -20.28
C ARG D 80 -18.74 25.76 -19.53
N ASP D 81 -19.84 26.07 -20.22
CA ASP D 81 -20.96 26.75 -19.58
C ASP D 81 -21.49 25.92 -18.42
N ALA D 82 -21.54 24.59 -18.60
CA ALA D 82 -22.08 23.74 -17.54
C ALA D 82 -21.28 23.85 -16.25
N TRP D 83 -19.99 24.15 -16.35
CA TRP D 83 -19.12 24.23 -15.19
C TRP D 83 -18.91 25.66 -14.69
N ILE D 84 -19.32 26.66 -15.47
CA ILE D 84 -19.17 28.05 -15.03
C ILE D 84 -19.61 28.28 -13.58
N PRO D 85 -20.80 27.83 -13.13
CA PRO D 85 -21.18 28.10 -11.74
C PRO D 85 -20.22 27.51 -10.71
N TYR D 86 -19.72 26.30 -10.94
CA TYR D 86 -18.84 25.68 -9.95
C TYR D 86 -17.46 26.31 -9.94
N ALA D 87 -16.96 26.72 -11.11
CA ALA D 87 -15.68 27.43 -11.12
C ALA D 87 -15.81 28.82 -10.53
N LYS D 88 -17.02 29.40 -10.61
CA LYS D 88 -17.27 30.69 -9.97
C LYS D 88 -17.36 30.55 -8.46
N GLU D 89 -17.91 29.44 -7.98
CA GLU D 89 -18.01 29.21 -6.54
C GLU D 89 -16.69 28.74 -5.93
N GLY D 90 -15.84 28.08 -6.70
CA GLY D 90 -14.54 27.64 -6.25
C GLY D 90 -13.39 28.52 -6.66
N GLN D 91 -13.63 29.55 -7.47
CA GLN D 91 -12.60 30.48 -7.92
C GLN D 91 -11.44 29.75 -8.61
N TYR D 92 -11.78 28.99 -9.64
CA TYR D 92 -10.77 28.29 -10.42
C TYR D 92 -11.04 28.45 -11.92
N ILE D 93 -10.01 28.15 -12.70
CA ILE D 93 -10.05 28.27 -14.16
C ILE D 93 -10.60 26.98 -14.76
N VAL D 94 -11.44 27.11 -15.78
CA VAL D 94 -11.97 25.97 -16.51
C VAL D 94 -11.49 26.07 -17.95
N LEU D 95 -10.93 24.98 -18.47
CA LEU D 95 -10.43 24.90 -19.84
C LEU D 95 -11.11 23.75 -20.57
N THR D 96 -11.78 24.05 -21.68
CA THR D 96 -12.43 23.04 -22.52
C THR D 96 -11.90 23.18 -23.94
N PRO D 97 -10.97 22.30 -24.36
CA PRO D 97 -10.53 22.33 -25.75
C PRO D 97 -11.58 21.74 -26.67
N GLU D 98 -11.75 22.37 -27.83
CA GLU D 98 -12.76 21.98 -28.81
C GLU D 98 -12.08 21.16 -29.89
N TYR D 99 -12.30 19.85 -29.85
CA TYR D 99 -11.88 18.94 -30.91
C TYR D 99 -13.00 18.92 -31.96
N SER D 100 -12.96 19.90 -32.85
CA SER D 100 -13.98 20.12 -33.85
C SER D 100 -14.16 18.89 -34.75
N MET D 101 -15.35 18.80 -35.37
CA MET D 101 -15.57 17.76 -36.39
C MET D 101 -14.74 18.02 -37.63
N ALA D 102 -14.45 19.30 -37.93
CA ALA D 102 -13.69 19.62 -39.13
C ALA D 102 -12.25 19.15 -39.03
N ASP D 103 -11.62 19.41 -37.89
CA ASP D 103 -10.22 19.05 -37.69
C ASP D 103 -10.01 17.67 -37.07
N PHE D 104 -11.03 17.10 -36.43
CA PHE D 104 -10.97 15.76 -35.84
C PHE D 104 -12.22 15.01 -36.28
N PRO D 105 -12.23 14.49 -37.50
CA PRO D 105 -13.50 14.01 -38.10
C PRO D 105 -14.13 12.82 -37.39
N THR D 106 -13.34 11.86 -36.93
CA THR D 106 -13.89 10.65 -36.33
C THR D 106 -13.47 10.55 -34.87
N SER D 107 -14.13 9.64 -34.16
CA SER D 107 -13.72 9.31 -32.80
C SER D 107 -12.30 8.77 -32.77
N LEU D 108 -11.89 8.05 -33.83
CA LEU D 108 -10.53 7.51 -33.91
C LEU D 108 -9.50 8.62 -33.75
N THR D 109 -9.77 9.79 -34.31
CA THR D 109 -8.87 10.94 -34.18
C THR D 109 -9.01 11.66 -32.84
N TYR D 110 -10.11 11.46 -32.12
CA TYR D 110 -10.38 12.24 -30.92
C TYR D 110 -10.26 11.35 -29.70
N ASN D 111 -11.34 10.71 -29.24
CA ASN D 111 -11.35 10.09 -27.92
C ASN D 111 -10.61 8.76 -27.89
N VAL D 112 -10.28 8.18 -29.06
CA VAL D 112 -9.42 7.01 -29.08
C VAL D 112 -7.96 7.42 -28.95
N GLY D 113 -7.65 8.68 -29.23
CA GLY D 113 -6.34 9.23 -29.00
C GLY D 113 -5.47 9.38 -30.24
N HIS D 114 -5.86 8.74 -31.34
CA HIS D 114 -5.07 8.77 -32.58
C HIS D 114 -3.63 8.34 -32.31
N ILE D 115 -3.49 7.31 -31.46
CA ILE D 115 -2.17 6.76 -31.13
C ILE D 115 -1.67 5.82 -32.20
N VAL D 116 -2.54 5.43 -33.14
CA VAL D 116 -2.19 4.55 -34.24
C VAL D 116 -2.58 5.23 -35.53
N ASP D 117 -1.91 4.85 -36.63
CA ASP D 117 -2.29 5.37 -37.93
C ASP D 117 -3.38 4.50 -38.56
N GLU D 118 -3.72 4.84 -39.80
CA GLU D 118 -4.73 4.12 -40.55
C GLU D 118 -4.37 2.65 -40.74
N ALA D 119 -3.08 2.31 -40.77
CA ALA D 119 -2.62 0.94 -41.03
C ALA D 119 -2.29 0.14 -39.78
N GLY D 120 -2.23 0.78 -38.61
CA GLY D 120 -1.84 0.13 -37.38
C GLY D 120 -0.41 0.38 -36.88
N ASN D 121 0.38 1.36 -37.50
CA ASN D 121 1.67 1.53 -36.79
C ASN D 121 1.50 2.55 -35.65
N PRO D 122 2.34 2.44 -34.61
CA PRO D 122 2.36 3.49 -33.57
C PRO D 122 2.72 4.86 -34.17
N ARG D 123 2.05 5.93 -33.69
CA ARG D 123 2.30 7.34 -34.02
C ARG D 123 3.01 8.03 -32.87
N PRO D 124 3.80 9.07 -33.15
CA PRO D 124 4.52 9.74 -32.06
C PRO D 124 3.54 10.37 -31.07
N ARG D 125 3.86 10.26 -29.79
CA ARG D 125 2.93 10.69 -28.75
C ARG D 125 2.60 12.17 -28.86
N GLU D 126 3.53 12.98 -29.37
CA GLU D 126 3.29 14.41 -29.53
C GLU D 126 2.21 14.72 -30.57
N GLU D 127 1.83 13.75 -31.41
CA GLU D 127 0.76 13.92 -32.37
C GLU D 127 -0.56 13.33 -31.89
N TRP D 128 -0.57 12.66 -30.73
CA TRP D 128 -1.81 12.16 -30.15
C TRP D 128 -2.76 13.32 -29.82
N SER D 129 -4.05 13.01 -29.79
CA SER D 129 -5.02 13.99 -29.31
C SER D 129 -4.77 14.34 -27.86
N PHE D 130 -4.18 13.43 -27.08
CA PHE D 130 -3.90 13.70 -25.66
C PHE D 130 -2.81 14.74 -25.49
N ALA D 131 -1.90 14.85 -26.46
CA ALA D 131 -0.68 15.63 -26.30
C ALA D 131 -0.93 17.12 -26.16
N SER D 132 -2.20 17.54 -26.19
CA SER D 132 -2.54 18.95 -26.01
C SER D 132 -2.65 19.34 -24.55
N ILE D 133 -2.97 18.39 -23.67
CA ILE D 133 -3.30 18.78 -22.29
C ILE D 133 -2.07 19.37 -21.58
N GLU D 134 -0.96 18.64 -21.60
CA GLU D 134 0.20 19.03 -20.79
C GLU D 134 0.81 20.38 -21.20
N PRO D 135 1.12 20.64 -22.48
CA PRO D 135 1.66 21.98 -22.79
C PRO D 135 0.67 23.09 -22.51
N MET D 136 -0.61 22.87 -22.80
CA MET D 136 -1.63 23.87 -22.52
C MET D 136 -1.64 24.25 -21.04
N PHE D 137 -1.59 23.25 -20.15
CA PHE D 137 -1.52 23.52 -18.72
C PHE D 137 -0.35 24.43 -18.38
N ASP D 138 0.79 24.24 -19.06
CA ASP D 138 1.91 25.15 -18.84
C ASP D 138 1.53 26.55 -19.32
N GLN D 139 1.11 26.65 -20.57
CA GLN D 139 0.87 27.97 -21.17
C GLN D 139 -0.14 28.76 -20.37
N VAL D 140 -1.23 28.11 -19.96
CA VAL D 140 -2.28 28.82 -19.23
C VAL D 140 -1.73 29.39 -17.93
N ARG D 141 -0.91 28.62 -17.21
CA ARG D 141 -0.30 29.12 -15.99
C ARG D 141 0.53 30.37 -16.27
N LYS D 142 1.28 30.36 -17.37
CA LYS D 142 2.08 31.52 -17.72
C LYS D 142 1.21 32.71 -18.08
N ALA D 143 0.00 32.48 -18.57
CA ALA D 143 -0.84 33.56 -19.05
C ALA D 143 -1.69 34.18 -17.96
N THR D 144 -1.88 33.47 -16.84
CA THR D 144 -2.70 33.92 -15.74
C THR D 144 -1.91 34.30 -14.51
N GLY D 145 -0.71 33.73 -14.35
CA GLY D 145 0.10 33.91 -13.17
C GLY D 145 -0.01 32.81 -12.15
N SER D 146 -0.90 31.85 -12.36
CA SER D 146 -1.07 30.75 -11.41
C SER D 146 0.16 29.85 -11.42
N LYS D 147 0.52 29.36 -10.22
CA LYS D 147 1.68 28.50 -10.07
C LYS D 147 1.30 27.17 -9.43
N VAL D 148 0.04 26.76 -9.54
CA VAL D 148 -0.39 25.53 -8.89
C VAL D 148 0.28 24.35 -9.58
N PRO D 149 0.83 23.39 -8.84
CA PRO D 149 1.64 22.34 -9.49
C PRO D 149 0.83 21.33 -10.28
N THR D 150 -0.47 21.18 -10.01
CA THR D 150 -1.28 20.16 -10.68
C THR D 150 -2.57 20.77 -11.20
N TYR D 151 -3.26 20.00 -12.02
CA TYR D 151 -4.60 20.33 -12.49
C TYR D 151 -5.53 19.15 -12.25
N ALA D 152 -6.82 19.41 -12.29
CA ALA D 152 -7.81 18.33 -12.33
C ALA D 152 -8.39 18.25 -13.73
N ILE D 153 -8.93 17.08 -14.06
CA ILE D 153 -9.46 16.84 -15.39
C ILE D 153 -10.73 16.00 -15.27
N TYR D 154 -11.74 16.38 -16.05
CA TYR D 154 -13.03 15.69 -16.05
C TYR D 154 -13.48 15.46 -17.48
N GLY D 155 -14.11 14.32 -17.72
CA GLY D 155 -14.66 14.02 -19.03
C GLY D 155 -15.94 13.25 -18.89
N HIS D 156 -16.85 13.43 -19.85
CA HIS D 156 -18.13 12.74 -19.86
C HIS D 156 -18.32 12.01 -21.18
N SER D 157 -18.89 10.81 -21.10
CA SER D 157 -19.22 9.97 -22.26
C SER D 157 -17.96 9.72 -23.07
N ALA D 158 -17.87 10.17 -24.33
CA ALA D 158 -16.62 10.00 -25.07
C ALA D 158 -15.49 10.76 -24.40
N GLY D 159 -15.81 11.84 -23.68
CA GLY D 159 -14.81 12.50 -22.86
C GLY D 159 -14.33 11.63 -21.71
N GLY D 160 -15.20 10.79 -21.16
CA GLY D 160 -14.75 9.85 -20.14
C GLY D 160 -13.79 8.82 -20.70
N GLN D 161 -14.06 8.36 -21.93
CA GLN D 161 -13.10 7.49 -22.61
C GLN D 161 -11.77 8.22 -22.81
N PHE D 162 -11.84 9.46 -23.28
CA PHE D 162 -10.64 10.27 -23.44
C PHE D 162 -9.85 10.31 -22.15
N VAL D 163 -10.53 10.55 -21.02
CA VAL D 163 -9.83 10.81 -19.77
C VAL D 163 -9.20 9.53 -19.23
N HIS D 164 -9.94 8.42 -19.24
CA HIS D 164 -9.32 7.22 -18.68
C HIS D 164 -8.24 6.66 -19.61
N ARG D 165 -8.34 6.88 -20.93
CA ARG D 165 -7.26 6.47 -21.81
C ARG D 165 -6.04 7.38 -21.64
N PHE D 166 -6.27 8.67 -21.37
CA PHE D 166 -5.19 9.59 -21.04
C PHE D 166 -4.48 9.13 -19.77
N VAL D 167 -5.26 8.68 -18.79
CA VAL D 167 -4.67 8.17 -17.55
C VAL D 167 -3.85 6.91 -17.84
N GLU D 168 -4.34 6.06 -18.72
CA GLU D 168 -3.63 4.81 -18.98
C GLU D 168 -2.36 5.01 -19.81
N LEU D 169 -2.32 6.03 -20.67
CA LEU D 169 -1.24 6.13 -21.64
C LEU D 169 -0.33 7.35 -21.48
N TRP D 170 -0.57 8.22 -20.50
CA TRP D 170 0.28 9.39 -20.26
C TRP D 170 0.72 9.37 -18.80
N PRO D 171 1.71 8.53 -18.47
CA PRO D 171 2.07 8.37 -17.05
C PRO D 171 2.66 9.62 -16.41
N ASP D 172 3.30 10.50 -17.18
CA ASP D 172 3.95 11.67 -16.60
C ASP D 172 2.99 12.83 -16.36
N ALA D 173 1.74 12.72 -16.79
CA ALA D 173 0.78 13.83 -16.67
C ALA D 173 0.66 14.30 -15.23
N ARG D 174 0.38 15.59 -15.07
CA ARG D 174 0.37 16.22 -13.76
C ARG D 174 -1.05 16.50 -13.25
N TYR D 175 -1.96 15.55 -13.38
CA TYR D 175 -3.27 15.72 -12.80
C TYR D 175 -3.26 15.23 -11.35
N SER D 176 -3.90 16.00 -10.47
CA SER D 176 -4.13 15.57 -9.10
C SER D 176 -5.32 14.63 -9.00
N ARG D 177 -6.26 14.71 -9.94
CA ARG D 177 -7.42 13.85 -9.95
C ARG D 177 -8.00 13.86 -11.35
N ALA D 178 -8.36 12.68 -11.85
CA ALA D 178 -9.03 12.55 -13.13
C ALA D 178 -10.39 11.91 -12.86
N VAL D 179 -11.44 12.47 -13.44
CA VAL D 179 -12.80 11.98 -13.24
C VAL D 179 -13.38 11.58 -14.59
N ALA D 180 -13.64 10.29 -14.77
CA ALA D 180 -14.22 9.77 -16.01
C ALA D 180 -15.66 9.37 -15.74
N ALA D 181 -16.59 10.03 -16.42
CA ALA D 181 -18.02 9.87 -16.15
C ALA D 181 -18.72 9.22 -17.34
N ASN D 182 -19.38 8.08 -17.08
CA ASN D 182 -20.31 7.45 -18.02
C ASN D 182 -19.68 7.21 -19.38
N ALA D 183 -18.44 6.73 -19.38
CA ALA D 183 -17.81 6.32 -20.63
C ALA D 183 -18.64 5.21 -21.28
N GLY D 184 -18.72 5.24 -22.62
CA GLY D 184 -19.55 4.28 -23.31
C GLY D 184 -18.97 2.88 -23.23
N TRP D 185 -17.66 2.77 -23.34
CA TRP D 185 -16.95 1.53 -23.08
C TRP D 185 -15.50 1.92 -22.79
N TYR D 186 -14.73 0.95 -22.33
CA TYR D 186 -13.43 1.27 -21.75
C TYR D 186 -12.32 0.57 -22.50
N THR D 187 -11.13 1.18 -22.43
CA THR D 187 -9.90 0.48 -22.71
C THR D 187 -9.56 -0.29 -21.43
N MET D 188 -9.74 -1.58 -21.46
CA MET D 188 -9.69 -2.36 -20.22
C MET D 188 -8.24 -2.54 -19.79
N PRO D 189 -7.96 -2.54 -18.49
CA PRO D 189 -6.56 -2.70 -18.03
C PRO D 189 -6.06 -4.11 -18.20
N ASP D 190 -5.97 -4.54 -19.47
CA ASP D 190 -5.60 -5.91 -19.81
C ASP D 190 -4.55 -5.86 -20.91
N LEU D 191 -3.37 -6.40 -20.63
CA LEU D 191 -2.26 -6.38 -21.57
C LEU D 191 -2.39 -7.43 -22.67
N ALA D 192 -3.39 -8.29 -22.61
CA ALA D 192 -3.60 -9.30 -23.64
C ALA D 192 -4.74 -8.98 -24.59
N ILE D 193 -5.51 -7.91 -24.32
CA ILE D 193 -6.60 -7.49 -25.18
C ILE D 193 -6.13 -6.28 -25.99
N LYS D 194 -6.44 -6.27 -27.28
CA LYS D 194 -5.87 -5.29 -28.20
C LYS D 194 -6.54 -3.92 -28.08
N TYR D 195 -5.73 -2.87 -28.20
CA TYR D 195 -6.27 -1.52 -28.19
C TYR D 195 -7.25 -1.35 -29.34
N PRO D 196 -8.40 -0.67 -29.12
CA PRO D 196 -8.71 0.15 -27.96
C PRO D 196 -9.54 -0.55 -26.87
N TYR D 197 -9.74 -1.86 -27.00
CA TYR D 197 -10.47 -2.58 -25.98
C TYR D 197 -9.57 -3.06 -24.85
N GLY D 198 -8.26 -2.93 -25.02
CA GLY D 198 -7.29 -3.31 -24.02
C GLY D 198 -6.00 -2.57 -24.27
N LEU D 199 -4.95 -2.99 -23.58
CA LEU D 199 -3.68 -2.29 -23.63
C LEU D 199 -2.63 -3.04 -24.46
N LYS D 200 -3.00 -4.14 -25.11
CA LYS D 200 -2.09 -4.79 -26.03
C LYS D 200 -1.94 -3.92 -27.29
N ASP D 201 -0.72 -3.86 -27.80
CA ASP D 201 -0.34 -3.00 -28.92
C ASP D 201 -0.52 -1.51 -28.59
N ALA D 202 -0.44 -1.17 -27.31
CA ALA D 202 -0.46 0.20 -26.84
C ALA D 202 0.85 0.52 -26.14
N PRO D 203 1.32 1.76 -26.20
CA PRO D 203 2.62 2.09 -25.61
C PRO D 203 2.64 2.00 -24.09
N THR D 204 2.42 0.81 -23.55
CA THR D 204 2.48 0.60 -22.11
C THR D 204 2.85 -0.86 -21.87
N ASP D 205 3.34 -1.13 -20.66
CA ASP D 205 3.82 -2.46 -20.30
C ASP D 205 3.32 -2.80 -18.90
N ALA D 206 3.86 -3.87 -18.32
CA ALA D 206 3.40 -4.31 -17.00
C ALA D 206 3.73 -3.27 -15.93
N ALA D 207 4.93 -2.70 -15.97
CA ALA D 207 5.29 -1.65 -15.02
C ALA D 207 4.45 -0.40 -15.21
N GLY D 208 4.21 -0.02 -16.47
CA GLY D 208 3.38 1.14 -16.74
C GLY D 208 1.93 0.92 -16.33
N LEU D 209 1.41 -0.29 -16.52
CA LEU D 209 0.05 -0.55 -16.07
C LEU D 209 -0.03 -0.59 -14.55
N LYS D 210 0.99 -1.14 -13.90
CA LYS D 210 1.05 -1.14 -12.44
C LYS D 210 1.04 0.29 -11.90
N ALA D 211 1.78 1.19 -12.53
CA ALA D 211 1.75 2.59 -12.13
C ALA D 211 0.40 3.23 -12.44
N THR D 212 -0.23 2.84 -13.55
CA THR D 212 -1.56 3.35 -13.90
C THR D 212 -2.59 2.98 -12.83
N LEU D 213 -2.54 1.75 -12.33
CA LEU D 213 -3.49 1.35 -11.29
C LEU D 213 -3.30 2.11 -9.99
N GLU D 214 -2.23 2.89 -9.85
CA GLU D 214 -1.97 3.69 -8.67
C GLU D 214 -2.25 5.18 -8.90
N LYS D 215 -2.78 5.52 -10.04
CA LYS D 215 -3.09 6.91 -10.33
C LYS D 215 -4.43 7.32 -9.73
N PRO D 216 -4.62 8.62 -9.43
CA PRO D 216 -5.87 9.08 -8.80
C PRO D 216 -6.99 9.27 -9.82
N LEU D 217 -7.45 8.14 -10.36
CA LEU D 217 -8.56 8.11 -11.30
C LEU D 217 -9.83 7.73 -10.57
N THR D 218 -10.91 8.44 -10.88
CA THR D 218 -12.23 8.19 -10.31
C THR D 218 -13.19 7.90 -11.45
N ILE D 219 -13.82 6.73 -11.39
CA ILE D 219 -14.87 6.36 -12.34
C ILE D 219 -16.19 6.75 -11.71
N LEU D 220 -16.87 7.74 -12.31
CA LEU D 220 -18.13 8.26 -11.81
C LEU D 220 -19.23 7.82 -12.76
N LEU D 221 -20.25 7.16 -12.23
CA LEU D 221 -21.29 6.54 -13.04
C LEU D 221 -22.67 7.04 -12.64
N GLY D 222 -23.49 7.33 -13.65
CA GLY D 222 -24.88 7.66 -13.41
C GLY D 222 -25.66 6.40 -13.13
N THR D 223 -26.45 6.42 -12.05
CA THR D 223 -27.18 5.23 -11.63
C THR D 223 -28.29 4.87 -12.61
N ALA D 224 -28.73 5.80 -13.46
CA ALA D 224 -29.77 5.56 -14.44
C ALA D 224 -29.24 5.47 -15.87
N ASP D 225 -27.92 5.48 -16.05
CA ASP D 225 -27.34 5.31 -17.39
C ASP D 225 -27.35 3.83 -17.75
N THR D 226 -28.58 3.31 -17.96
CA THR D 226 -28.81 1.87 -18.03
C THR D 226 -29.55 1.44 -19.29
N ASP D 227 -29.67 2.30 -20.30
CA ASP D 227 -30.39 1.93 -21.51
C ASP D 227 -29.49 1.08 -22.38
N VAL D 228 -29.82 -0.20 -22.52
CA VAL D 228 -29.01 -1.08 -23.35
C VAL D 228 -29.19 -0.82 -24.83
N ASN D 229 -30.15 0.03 -25.19
CA ASN D 229 -30.39 0.41 -26.57
C ASN D 229 -30.16 1.90 -26.79
N HIS D 230 -29.47 2.57 -25.86
CA HIS D 230 -29.13 3.97 -26.08
C HIS D 230 -28.43 4.07 -27.41
N HIS D 231 -28.81 5.05 -28.21
CA HIS D 231 -28.40 5.05 -29.60
C HIS D 231 -26.95 5.47 -29.78
N GLN D 232 -26.30 5.90 -28.70
CA GLN D 232 -24.84 6.11 -28.74
C GLN D 232 -24.06 4.94 -28.14
N LEU D 233 -24.73 3.93 -27.58
CA LEU D 233 -24.07 2.80 -26.91
C LEU D 233 -23.54 1.81 -27.94
N SER D 234 -22.22 1.61 -27.95
CA SER D 234 -21.63 0.59 -28.80
C SER D 234 -22.09 -0.80 -28.36
N ARG D 235 -22.39 -1.65 -29.35
CA ARG D 235 -22.83 -3.00 -29.08
C ARG D 235 -22.00 -4.01 -29.86
N THR D 236 -20.74 -3.69 -30.12
CA THR D 236 -19.82 -4.67 -30.67
C THR D 236 -19.58 -5.78 -29.65
N PRO D 237 -19.27 -6.99 -30.11
CA PRO D 237 -18.99 -8.07 -29.15
C PRO D 237 -17.91 -7.70 -28.14
N GLU D 238 -16.88 -6.98 -28.59
CA GLU D 238 -15.83 -6.54 -27.68
C GLU D 238 -16.38 -5.64 -26.59
N ALA D 239 -17.31 -4.75 -26.95
CA ALA D 239 -17.94 -3.89 -25.95
C ALA D 239 -18.92 -4.68 -25.09
N MET D 240 -19.60 -5.68 -25.67
CA MET D 240 -20.55 -6.47 -24.90
C MET D 240 -19.85 -7.34 -23.86
N THR D 241 -18.58 -7.69 -24.06
CA THR D 241 -17.84 -8.38 -23.03
C THR D 241 -17.78 -7.57 -21.73
N GLN D 242 -17.89 -6.24 -21.81
CA GLN D 242 -17.82 -5.39 -20.64
C GLN D 242 -19.16 -5.16 -19.95
N GLY D 243 -20.27 -5.51 -20.61
CA GLY D 243 -21.57 -5.31 -20.01
C GLY D 243 -22.58 -4.80 -21.02
N VAL D 244 -23.85 -4.74 -20.61
CA VAL D 244 -24.92 -4.36 -21.52
C VAL D 244 -25.19 -2.86 -21.53
N HIS D 245 -24.80 -2.13 -20.49
CA HIS D 245 -24.97 -0.68 -20.48
C HIS D 245 -23.80 -0.03 -19.75
N ARG D 246 -23.79 1.30 -19.78
CA ARG D 246 -22.62 2.06 -19.34
C ARG D 246 -22.36 1.88 -17.84
N LEU D 247 -23.43 1.76 -17.04
CA LEU D 247 -23.25 1.59 -15.60
C LEU D 247 -22.58 0.26 -15.30
N ALA D 248 -23.09 -0.82 -15.89
CA ALA D 248 -22.50 -2.14 -15.69
C ALA D 248 -21.05 -2.15 -16.15
N ARG D 249 -20.77 -1.53 -17.31
CA ARG D 249 -19.42 -1.51 -17.83
C ARG D 249 -18.48 -0.73 -16.93
N GLY D 250 -18.94 0.39 -16.37
CA GLY D 250 -18.08 1.15 -15.47
C GLY D 250 -17.74 0.38 -14.22
N GLU D 251 -18.74 -0.26 -13.62
CA GLU D 251 -18.48 -1.08 -12.44
C GLU D 251 -17.53 -2.22 -12.78
N PHE D 252 -17.74 -2.86 -13.93
CA PHE D 252 -16.91 -3.98 -14.31
C PHE D 252 -15.48 -3.54 -14.65
N PHE D 253 -15.33 -2.36 -15.24
CA PHE D 253 -14.00 -1.83 -15.55
C PHE D 253 -13.24 -1.54 -14.26
N TYR D 254 -13.91 -0.97 -13.27
CA TYR D 254 -13.28 -0.74 -11.97
C TYR D 254 -12.86 -2.06 -11.33
N ALA D 255 -13.74 -3.06 -11.38
CA ALA D 255 -13.40 -4.35 -10.80
C ALA D 255 -12.24 -5.03 -11.53
N TYR D 256 -12.20 -4.89 -12.85
CA TYR D 256 -11.08 -5.43 -13.63
C TYR D 256 -9.77 -4.75 -13.25
N GLY D 257 -9.84 -3.44 -12.99
CA GLY D 257 -8.67 -2.74 -12.48
C GLY D 257 -8.22 -3.27 -11.14
N ARG D 258 -9.18 -3.57 -10.25
CA ARG D 258 -8.79 -4.14 -8.95
C ARG D 258 -8.15 -5.52 -9.12
N LYS D 259 -8.70 -6.34 -10.02
CA LYS D 259 -8.14 -7.66 -10.27
C LYS D 259 -6.71 -7.56 -10.79
N VAL D 260 -6.49 -6.72 -11.80
CA VAL D 260 -5.16 -6.62 -12.37
C VAL D 260 -4.19 -5.95 -11.39
N ALA D 261 -4.70 -5.07 -10.50
CA ALA D 261 -3.84 -4.50 -9.47
C ALA D 261 -3.35 -5.57 -8.52
N HIS D 262 -4.22 -6.54 -8.21
CA HIS D 262 -3.75 -7.70 -7.47
C HIS D 262 -2.69 -8.47 -8.27
N GLU D 263 -2.92 -8.65 -9.57
CA GLU D 263 -1.98 -9.42 -10.38
C GLU D 263 -0.61 -8.75 -10.42
N LEU D 264 -0.57 -7.42 -10.46
CA LEU D 264 0.70 -6.70 -10.57
C LEU D 264 1.19 -6.13 -9.24
N ASN D 265 0.51 -6.45 -8.14
CA ASN D 265 0.89 -5.96 -6.81
C ASN D 265 0.95 -4.43 -6.72
N ALA D 266 0.02 -3.75 -7.38
CA ALA D 266 -0.10 -2.30 -7.32
C ALA D 266 -0.97 -1.88 -6.15
N LYS D 267 -0.65 -0.76 -5.57
CA LYS D 267 -1.57 -0.36 -4.52
C LYS D 267 -2.63 0.55 -5.14
N PHE D 268 -3.74 -0.15 -5.41
CA PHE D 268 -4.94 0.27 -6.15
C PHE D 268 -5.47 1.56 -5.60
N ALA D 269 -5.48 2.58 -6.44
CA ALA D 269 -5.85 3.91 -6.05
C ALA D 269 -7.11 4.37 -6.76
N TRP D 270 -7.63 3.58 -7.70
CA TRP D 270 -8.84 4.00 -8.40
C TRP D 270 -10.00 4.07 -7.43
N LYS D 271 -10.97 4.92 -7.76
CA LYS D 271 -12.16 5.08 -6.94
C LYS D 271 -13.39 4.95 -7.82
N LEU D 272 -14.46 4.44 -7.22
CA LEU D 272 -15.72 4.20 -7.91
C LEU D 272 -16.79 5.02 -7.19
N ASP D 273 -17.41 5.94 -7.92
CA ASP D 273 -18.40 6.84 -7.35
C ASP D 273 -19.66 6.81 -8.20
N TYR D 274 -20.77 7.18 -7.58
CA TYR D 274 -22.07 7.12 -8.22
C TYR D 274 -22.75 8.48 -8.19
N ALA D 275 -23.47 8.78 -9.26
CA ALA D 275 -24.39 9.90 -9.32
C ALA D 275 -25.78 9.31 -9.28
N PRO D 276 -26.45 9.25 -8.13
CA PRO D 276 -27.72 8.52 -8.04
C PRO D 276 -28.78 9.07 -8.98
N ASP D 277 -29.37 8.17 -9.76
CA ASP D 277 -30.54 8.46 -10.59
C ASP D 277 -30.27 9.52 -11.64
N ILE D 278 -29.01 9.63 -12.06
CA ILE D 278 -28.63 10.42 -13.23
C ILE D 278 -28.35 9.44 -14.35
N ALA D 279 -28.68 9.82 -15.58
CA ALA D 279 -28.37 9.01 -16.75
C ALA D 279 -27.27 9.72 -17.55
N HIS D 280 -27.33 9.62 -18.88
CA HIS D 280 -26.28 10.14 -19.75
C HIS D 280 -26.43 11.64 -19.93
N SER D 281 -26.17 12.37 -18.85
CA SER D 281 -26.36 13.82 -18.82
C SER D 281 -25.11 14.47 -18.25
N ASN D 282 -24.46 15.29 -19.07
CA ASN D 282 -23.25 15.96 -18.60
C ASN D 282 -23.54 16.94 -17.48
N THR D 283 -24.69 17.61 -17.51
CA THR D 283 -25.04 18.54 -16.44
C THR D 283 -25.25 17.82 -15.11
N GLY D 284 -26.08 16.76 -15.13
CA GLY D 284 -26.32 16.00 -13.91
C GLY D 284 -25.06 15.31 -13.40
N MET D 285 -24.22 14.81 -14.31
CA MET D 285 -22.97 14.20 -13.85
C MET D 285 -22.00 15.24 -13.33
N SER D 286 -21.99 16.44 -13.94
CA SER D 286 -21.08 17.48 -13.50
C SER D 286 -21.46 17.99 -12.12
N GLN D 287 -22.76 17.98 -11.79
CA GLN D 287 -23.16 18.40 -10.46
C GLN D 287 -22.51 17.53 -9.38
N TYR D 288 -22.24 16.26 -9.68
CA TYR D 288 -21.54 15.38 -8.73
C TYR D 288 -20.03 15.44 -8.90
N ALA D 289 -19.55 15.57 -10.15
CA ALA D 289 -18.13 15.64 -10.41
C ALA D 289 -17.50 16.90 -9.87
N GLN D 290 -18.28 17.98 -9.70
CA GLN D 290 -17.73 19.23 -9.20
C GLN D 290 -17.33 19.08 -7.74
N LYS D 291 -17.85 18.09 -7.04
CA LYS D 291 -17.48 17.85 -5.66
C LYS D 291 -16.43 16.72 -5.54
N LEU D 292 -15.95 16.23 -6.66
CA LEU D 292 -14.99 15.13 -6.66
C LEU D 292 -13.64 15.48 -7.26
N VAL D 293 -13.57 16.52 -8.10
CA VAL D 293 -12.34 16.79 -8.81
C VAL D 293 -11.24 17.30 -7.90
N TRP D 294 -11.58 17.86 -6.73
CA TRP D 294 -10.58 18.41 -5.84
C TRP D 294 -10.29 17.52 -4.64
N GLU D 295 -10.62 16.23 -4.72
CA GLU D 295 -10.26 15.31 -3.65
C GLU D 295 -9.09 14.42 -4.08
#